data_9JF7
#
_entry.id   9JF7
#
_entity_poly.entity_id   1
_entity_poly.type   'polypeptide(L)'
_entity_poly.pdbx_seq_one_letter_code
;MSNSNVETFFKSSSEKNKNNFKEISCCFKISNEERSLPFQLIWSGIIIISCIGMFWNVVENIKLYFYSSPSVKFEYIKND
SLYFPAITICPFLLNWNPFFTESISFFPEMNDIFEIIETNEYDMLYLWNKTDEYFQYDDSYVYQDALIEEDEFDRSSIIP
NTEIMSVSGKCHMYSLEEPVYIGNAIPNILIVYNHSKIYKDKWIKVLIHSIEDKLTSHFFAINVGVDSLLQQMTEVNFQV
IQKINLNLSNNPCLFPEEVDKCFKKCLDNFMFKDLSRIHKCRLPFMDYPPDIPYCNYTNFPQMYTRFNKILKGFNKTNCL
CPRKCRETRYEIQYQFNIGGFNNQTFIKITSRNSITLETEYWSYNFYSLLSDIGGSLGLFLGASILSMCEIMQKILRNFC
MYSLSLKNRVLSRNSVHKINY
;
_entity_poly.pdbx_strand_id   A,B,C
#
# COMPACT_ATOMS: atom_id res chain seq x y z
N ILE A 46 51.19 -19.06 24.41
CA ILE A 46 50.22 -19.41 23.38
C ILE A 46 49.07 -20.14 23.97
N ILE A 47 49.29 -20.85 25.05
CA ILE A 47 48.20 -21.55 25.70
C ILE A 47 47.37 -20.51 26.41
N ILE A 48 48.01 -19.51 27.00
CA ILE A 48 47.28 -18.50 27.76
C ILE A 48 46.48 -17.56 26.85
N ILE A 49 47.07 -17.16 25.72
CA ILE A 49 46.37 -16.29 24.78
C ILE A 49 45.25 -17.05 24.08
N SER A 50 45.48 -18.31 23.71
CA SER A 50 44.40 -19.10 23.13
C SER A 50 43.27 -19.44 24.04
N CYS A 51 43.53 -19.40 25.32
CA CYS A 51 42.49 -19.71 26.29
C CYS A 51 41.70 -18.46 26.58
N ILE A 52 42.34 -17.29 26.52
CA ILE A 52 41.58 -16.06 26.70
C ILE A 52 40.74 -15.91 25.45
N GLY A 53 41.24 -16.38 24.31
CA GLY A 53 40.44 -16.34 23.09
C GLY A 53 39.27 -17.31 23.09
N MET A 54 39.51 -18.57 23.38
CA MET A 54 38.46 -19.56 23.49
C MET A 54 37.36 -19.03 24.35
N PHE A 55 37.69 -18.50 25.51
CA PHE A 55 36.65 -18.05 26.45
C PHE A 55 35.87 -16.88 25.89
N TRP A 56 36.54 -16.01 25.16
CA TRP A 56 35.87 -14.85 24.58
C TRP A 56 34.98 -15.22 23.39
N ASN A 57 35.39 -16.16 22.56
CA ASN A 57 34.56 -16.58 21.44
C ASN A 57 33.40 -17.34 22.01
N VAL A 58 33.56 -17.97 23.18
CA VAL A 58 32.39 -18.66 23.75
C VAL A 58 31.41 -17.66 24.36
N VAL A 59 31.90 -16.53 24.85
CA VAL A 59 31.03 -15.48 25.39
C VAL A 59 30.22 -14.90 24.26
N GLU A 60 30.86 -14.48 23.19
CA GLU A 60 30.18 -13.87 22.04
C GLU A 60 29.06 -14.78 21.54
N ASN A 61 29.31 -16.08 21.45
CA ASN A 61 28.28 -17.00 21.01
C ASN A 61 27.10 -16.99 21.98
N ILE A 62 27.38 -17.13 23.27
CA ILE A 62 26.31 -17.24 24.25
C ILE A 62 25.60 -15.91 24.28
N LYS A 63 26.29 -14.84 23.93
CA LYS A 63 25.63 -13.58 23.84
C LYS A 63 24.66 -13.65 22.70
N LEU A 64 25.15 -13.81 21.48
CA LEU A 64 24.26 -13.80 20.33
C LEU A 64 23.11 -14.75 20.44
N TYR A 65 23.24 -15.84 21.19
CA TYR A 65 22.10 -16.73 21.37
C TYR A 65 21.06 -16.13 22.32
N PHE A 66 21.45 -15.87 23.56
CA PHE A 66 20.48 -15.42 24.56
C PHE A 66 20.20 -13.92 24.43
N TYR A 67 21.25 -13.10 24.48
CA TYR A 67 21.08 -11.64 24.51
C TYR A 67 21.11 -11.07 23.09
N SER A 68 20.07 -11.39 22.33
CA SER A 68 19.89 -10.87 20.98
C SER A 68 18.41 -10.67 20.72
N SER A 69 18.09 -9.71 19.85
CA SER A 69 16.70 -9.41 19.55
C SER A 69 16.13 -10.48 18.62
N PRO A 70 14.85 -10.84 18.78
CA PRO A 70 14.25 -11.81 17.87
C PRO A 70 14.16 -11.25 16.46
N SER A 71 14.43 -12.10 15.48
CA SER A 71 14.39 -11.68 14.10
C SER A 71 12.95 -11.75 13.57
N VAL A 72 12.71 -11.08 12.45
CA VAL A 72 11.36 -10.89 11.92
C VAL A 72 11.30 -11.42 10.50
N LYS A 73 10.28 -12.21 10.21
CA LYS A 73 9.99 -12.72 8.87
C LYS A 73 8.81 -11.94 8.31
N PHE A 74 8.99 -11.38 7.12
CA PHE A 74 7.99 -10.55 6.46
C PHE A 74 7.41 -11.30 5.26
N GLU A 75 6.08 -11.36 5.20
CA GLU A 75 5.39 -12.07 4.14
C GLU A 75 4.23 -11.24 3.64
N TYR A 76 3.88 -11.46 2.37
CA TYR A 76 2.66 -10.91 1.77
C TYR A 76 1.76 -12.10 1.42
N ILE A 77 0.96 -12.52 2.40
CA ILE A 77 0.23 -13.77 2.28
C ILE A 77 -1.18 -13.51 1.74
N LYS A 78 -1.72 -14.54 1.09
CA LYS A 78 -3.08 -14.52 0.55
C LYS A 78 -3.88 -15.55 1.34
N ASN A 79 -4.45 -15.13 2.46
CA ASN A 79 -5.17 -16.02 3.36
C ASN A 79 -6.54 -16.35 2.76
N ASP A 80 -6.84 -17.64 2.64
CA ASP A 80 -8.12 -18.04 2.06
C ASP A 80 -9.31 -17.59 2.90
N SER A 81 -9.10 -17.37 4.19
CA SER A 81 -10.13 -16.85 5.08
C SER A 81 -9.56 -15.70 5.87
N LEU A 82 -10.28 -14.58 5.93
CA LEU A 82 -9.82 -13.37 6.58
C LEU A 82 -10.88 -12.88 7.56
N TYR A 83 -10.42 -12.43 8.73
CA TYR A 83 -11.29 -11.83 9.72
C TYR A 83 -11.55 -10.38 9.32
N PHE A 84 -12.79 -10.07 8.93
CA PHE A 84 -13.12 -8.70 8.57
C PHE A 84 -13.05 -7.79 9.78
N PRO A 85 -12.67 -6.53 9.59
CA PRO A 85 -12.59 -5.59 10.71
C PRO A 85 -13.97 -5.17 11.19
N ALA A 86 -14.01 -4.71 12.43
CA ALA A 86 -15.13 -3.94 12.92
C ALA A 86 -15.09 -2.54 12.31
N ILE A 87 -16.27 -2.04 11.98
CA ILE A 87 -16.44 -0.71 11.39
C ILE A 87 -17.27 0.11 12.36
N THR A 88 -16.68 1.17 12.89
CA THR A 88 -17.39 2.07 13.80
C THR A 88 -17.78 3.33 13.03
N ILE A 89 -19.08 3.57 12.92
CA ILE A 89 -19.62 4.78 12.32
C ILE A 89 -19.94 5.73 13.46
N CYS A 90 -19.26 6.87 13.47
CA CYS A 90 -19.39 7.88 14.51
C CYS A 90 -19.89 9.19 13.93
N PRO A 91 -20.62 9.98 14.71
CA PRO A 91 -20.97 11.32 14.23
C PRO A 91 -19.76 12.23 14.21
N PHE A 92 -19.81 13.23 13.33
CA PHE A 92 -18.72 14.19 13.21
C PHE A 92 -18.76 15.14 14.41
N LEU A 93 -17.82 16.09 14.43
CA LEU A 93 -17.68 17.05 15.52
C LEU A 93 -19.04 17.56 16.01
N LEU A 94 -19.19 17.67 17.33
CA LEU A 94 -20.43 18.19 17.90
C LEU A 94 -20.75 19.60 17.44
N ASN A 95 -19.88 20.27 16.69
CA ASN A 95 -20.27 21.58 16.13
C ASN A 95 -20.98 21.42 14.81
N TRP A 96 -20.98 20.22 14.26
CA TRP A 96 -21.54 19.99 12.94
C TRP A 96 -22.72 19.05 12.98
N ASN A 97 -23.19 18.67 14.16
CA ASN A 97 -24.26 17.69 14.24
C ASN A 97 -25.49 18.40 13.77
N PRO A 98 -26.27 17.74 12.92
CA PRO A 98 -27.43 18.42 12.37
C PRO A 98 -28.49 18.68 13.42
N PHE A 99 -28.30 18.20 14.64
CA PHE A 99 -29.21 18.43 15.75
C PHE A 99 -28.99 19.82 16.26
N PHE A 100 -27.80 20.35 16.03
CA PHE A 100 -27.48 21.70 16.41
C PHE A 100 -27.46 22.53 15.14
N THR A 101 -26.65 22.17 14.17
CA THR A 101 -26.52 23.00 12.99
C THR A 101 -27.83 23.37 12.35
N GLU A 102 -28.71 22.41 12.18
CA GLU A 102 -29.94 22.69 11.46
C GLU A 102 -30.87 23.69 12.11
N SER A 103 -31.04 23.61 13.41
CA SER A 103 -31.98 24.48 14.05
C SER A 103 -31.57 25.92 13.92
N ILE A 104 -30.41 26.28 14.43
CA ILE A 104 -29.93 27.65 14.40
C ILE A 104 -29.63 28.18 13.01
N SER A 105 -29.33 29.46 12.92
CA SER A 105 -29.11 30.09 11.62
C SER A 105 -27.70 29.97 11.06
N PHE A 106 -26.71 30.37 11.84
CA PHE A 106 -25.33 30.35 11.37
C PHE A 106 -24.73 28.95 11.41
N PHE A 107 -23.48 28.81 11.00
CA PHE A 107 -22.84 27.51 11.10
C PHE A 107 -22.22 27.50 12.47
N PRO A 108 -22.77 26.70 13.39
CA PRO A 108 -22.25 26.79 14.74
C PRO A 108 -20.77 26.61 14.81
N GLU A 109 -20.14 27.29 15.75
CA GLU A 109 -18.85 26.90 16.26
C GLU A 109 -18.95 26.21 17.62
N MET A 110 -17.89 25.68 18.17
CA MET A 110 -17.91 24.88 19.39
C MET A 110 -18.39 25.72 20.58
N ASN A 111 -17.94 26.97 20.68
CA ASN A 111 -18.41 27.82 21.76
C ASN A 111 -19.89 28.12 21.63
N ASP A 112 -20.39 28.30 20.41
CA ASP A 112 -21.82 28.47 20.22
C ASP A 112 -22.58 27.23 20.66
N ILE A 113 -22.02 26.04 20.39
CA ILE A 113 -22.66 24.81 20.84
C ILE A 113 -22.67 24.74 22.36
N PHE A 114 -21.58 25.17 23.00
CA PHE A 114 -21.55 25.18 24.46
C PHE A 114 -22.59 26.14 25.02
N GLU A 115 -22.74 27.31 24.41
CA GLU A 115 -23.78 28.25 24.84
C GLU A 115 -25.16 27.64 24.66
N ILE A 116 -25.40 26.97 23.53
CA ILE A 116 -26.70 26.33 23.31
C ILE A 116 -26.97 25.28 24.37
N ILE A 117 -25.95 24.45 24.68
CA ILE A 117 -26.08 23.41 25.73
C ILE A 117 -26.32 24.07 27.09
N GLU A 118 -25.83 25.29 27.28
CA GLU A 118 -26.11 26.02 28.52
C GLU A 118 -27.50 26.61 28.50
N THR A 119 -27.98 27.05 27.34
CA THR A 119 -29.29 27.68 27.26
C THR A 119 -30.36 26.62 27.42
N ASN A 120 -30.50 25.74 26.45
CA ASN A 120 -31.44 24.65 26.59
C ASN A 120 -30.67 23.78 27.51
N GLU A 121 -31.20 23.46 28.67
CA GLU A 121 -30.46 22.69 29.65
C GLU A 121 -30.52 21.19 29.41
N TYR A 122 -29.67 20.68 28.52
CA TYR A 122 -29.62 19.25 28.27
C TYR A 122 -28.98 18.26 29.18
N ASP A 123 -29.63 17.12 29.39
CA ASP A 123 -28.99 16.06 30.15
C ASP A 123 -27.95 15.65 29.16
N MET A 124 -26.70 15.48 29.56
CA MET A 124 -25.65 15.20 28.60
C MET A 124 -25.86 13.82 28.02
N LEU A 125 -26.64 12.99 28.69
CA LEU A 125 -26.99 11.70 28.11
C LEU A 125 -28.09 11.76 27.10
N TYR A 126 -28.97 12.76 27.22
CA TYR A 126 -29.99 12.98 26.22
C TYR A 126 -29.28 13.54 25.04
N LEU A 127 -28.32 14.43 25.27
CA LEU A 127 -27.63 15.07 24.17
C LEU A 127 -26.83 14.03 23.43
N TRP A 128 -26.20 13.07 24.11
CA TRP A 128 -25.48 12.01 23.39
C TRP A 128 -26.44 11.13 22.58
N ASN A 129 -27.62 10.83 23.12
CA ASN A 129 -28.61 10.06 22.37
C ASN A 129 -29.09 10.77 21.12
N LYS A 130 -29.32 12.07 21.20
CA LYS A 130 -29.87 12.79 20.04
C LYS A 130 -28.91 12.95 18.86
N THR A 131 -27.62 12.77 19.06
CA THR A 131 -26.63 12.99 18.00
C THR A 131 -26.71 11.93 16.91
N ASP A 132 -26.88 10.67 17.31
CA ASP A 132 -26.84 9.58 16.33
C ASP A 132 -28.05 9.56 15.42
N GLU A 133 -29.07 10.39 15.69
CA GLU A 133 -30.32 10.28 14.99
C GLU A 133 -30.20 10.62 13.51
N TYR A 134 -29.07 11.20 13.09
CA TYR A 134 -29.00 11.73 11.73
C TYR A 134 -28.41 10.78 10.71
N PHE A 135 -28.09 9.53 11.09
CA PHE A 135 -27.80 8.55 10.04
C PHE A 135 -28.83 7.43 9.99
N GLN A 136 -29.43 7.07 11.13
CA GLN A 136 -30.58 6.19 11.14
C GLN A 136 -30.33 4.92 10.34
N TYR A 137 -29.42 4.07 10.83
CA TYR A 137 -29.09 2.82 10.15
C TYR A 137 -30.33 2.15 9.58
N ASP A 138 -30.28 1.77 8.30
CA ASP A 138 -31.36 1.08 7.63
C ASP A 138 -31.03 -0.35 7.24
N ASP A 139 -29.79 -0.62 6.83
CA ASP A 139 -29.40 -1.96 6.45
C ASP A 139 -27.89 -2.10 6.33
N SER A 140 -27.35 -3.24 6.74
CA SER A 140 -25.94 -3.55 6.60
C SER A 140 -25.80 -5.04 6.35
N TYR A 141 -25.02 -5.40 5.33
CA TYR A 141 -24.86 -6.81 5.01
C TYR A 141 -23.52 -7.04 4.33
N VAL A 142 -22.98 -8.22 4.54
CA VAL A 142 -21.82 -8.71 3.81
C VAL A 142 -22.33 -9.39 2.55
N TYR A 143 -21.86 -8.93 1.39
CA TYR A 143 -22.25 -9.47 0.10
C TYR A 143 -21.03 -9.59 -0.79
N GLN A 144 -21.10 -10.53 -1.73
CA GLN A 144 -20.04 -10.76 -2.70
C GLN A 144 -20.40 -10.12 -4.04
N ASP A 145 -19.36 -9.75 -4.77
CA ASP A 145 -19.53 -9.21 -6.12
C ASP A 145 -19.53 -10.38 -7.09
N ALA A 146 -20.71 -10.90 -7.39
CA ALA A 146 -20.88 -12.04 -8.26
C ALA A 146 -21.47 -11.62 -9.60
N LEU A 147 -21.58 -12.57 -10.53
CA LEU A 147 -22.14 -12.31 -11.84
C LEU A 147 -23.67 -12.29 -11.84
N ILE A 148 -24.30 -12.69 -10.74
CA ILE A 148 -25.73 -12.53 -10.54
C ILE A 148 -25.89 -11.85 -9.18
N GLU A 149 -26.23 -10.56 -9.18
CA GLU A 149 -26.19 -9.76 -7.97
C GLU A 149 -27.05 -10.40 -6.88
N GLU A 150 -26.47 -10.47 -5.68
CA GLU A 150 -27.16 -11.06 -4.54
C GLU A 150 -28.32 -10.18 -4.11
N ASP A 151 -29.44 -10.80 -3.72
CA ASP A 151 -30.64 -10.05 -3.36
C ASP A 151 -31.27 -10.69 -2.12
N GLU A 152 -30.87 -10.19 -0.96
CA GLU A 152 -31.48 -10.41 0.36
C GLU A 152 -31.52 -11.88 0.78
N PHE A 153 -30.98 -12.80 -0.01
CA PHE A 153 -30.95 -14.21 0.36
C PHE A 153 -29.56 -14.75 0.60
N ASP A 154 -28.55 -14.24 -0.11
CA ASP A 154 -27.17 -14.70 0.08
C ASP A 154 -26.43 -13.79 1.04
N ARG A 155 -26.61 -12.48 0.88
CA ARG A 155 -25.94 -11.50 1.74
C ARG A 155 -26.29 -11.74 3.21
N SER A 156 -25.27 -11.71 4.05
CA SER A 156 -25.47 -11.94 5.48
C SER A 156 -25.71 -10.60 6.19
N SER A 157 -26.78 -10.55 6.98
CA SER A 157 -27.26 -9.31 7.58
C SER A 157 -26.54 -9.08 8.90
N ILE A 158 -25.96 -7.89 9.06
CA ILE A 158 -25.28 -7.48 10.30
C ILE A 158 -26.24 -6.63 11.11
N ILE A 159 -26.10 -6.70 12.43
CA ILE A 159 -26.86 -5.86 13.35
C ILE A 159 -25.86 -5.02 14.15
N PRO A 160 -25.75 -3.72 13.89
CA PRO A 160 -24.75 -2.91 14.61
C PRO A 160 -25.08 -2.83 16.10
N ASN A 161 -24.03 -2.45 16.86
CA ASN A 161 -24.16 -2.18 18.29
C ASN A 161 -24.99 -0.97 18.60
N THR A 162 -24.78 0.11 17.89
CA THR A 162 -25.59 1.30 18.03
C THR A 162 -25.63 2.03 19.34
N GLU A 163 -24.92 1.54 20.34
CA GLU A 163 -24.96 2.13 21.68
C GLU A 163 -23.57 2.42 22.19
N ILE A 164 -22.61 2.62 21.29
CA ILE A 164 -21.28 2.99 21.75
C ILE A 164 -21.29 4.47 22.09
N MET A 165 -20.58 4.84 23.15
CA MET A 165 -20.41 6.23 23.54
C MET A 165 -18.98 6.64 23.24
N SER A 166 -18.82 7.70 22.45
CA SER A 166 -17.52 8.14 21.99
C SER A 166 -17.45 9.65 22.08
N VAL A 167 -16.25 10.19 21.85
CA VAL A 167 -15.98 11.60 22.11
C VAL A 167 -16.95 12.50 21.36
N SER A 168 -17.49 12.04 20.23
CA SER A 168 -18.36 12.86 19.40
C SER A 168 -19.84 12.58 19.59
N GLY A 169 -20.20 11.50 20.28
CA GLY A 169 -21.59 11.16 20.48
C GLY A 169 -21.79 9.67 20.48
N LYS A 170 -22.95 9.23 20.01
CA LYS A 170 -23.27 7.81 20.00
C LYS A 170 -22.87 7.19 18.66
N CYS A 171 -22.08 6.13 18.73
CA CYS A 171 -21.50 5.46 17.57
C CYS A 171 -22.05 4.04 17.45
N HIS A 172 -22.02 3.54 16.21
CA HIS A 172 -22.54 2.22 15.86
C HIS A 172 -21.36 1.36 15.41
N MET A 173 -21.20 0.18 16.02
CA MET A 173 -20.16 -0.76 15.61
C MET A 173 -20.79 -1.92 14.85
N TYR A 174 -20.26 -2.19 13.65
CA TYR A 174 -20.62 -3.36 12.86
C TYR A 174 -19.46 -4.35 12.90
N SER A 175 -19.77 -5.62 13.06
CA SER A 175 -18.73 -6.63 13.16
C SER A 175 -19.27 -7.97 12.67
N LEU A 176 -18.35 -8.86 12.35
CA LEU A 176 -18.65 -10.23 11.95
C LEU A 176 -18.11 -11.20 12.98
N GLU A 177 -18.80 -12.32 13.15
CA GLU A 177 -18.42 -13.31 14.14
C GLU A 177 -17.49 -14.42 13.64
N GLU A 178 -17.47 -14.69 12.34
CA GLU A 178 -16.64 -15.75 11.78
C GLU A 178 -16.08 -15.28 10.44
N PRO A 179 -14.85 -15.68 10.10
CA PRO A 179 -14.25 -15.20 8.84
C PRO A 179 -14.95 -15.55 7.53
N VAL A 180 -14.81 -14.64 6.56
CA VAL A 180 -15.33 -14.84 5.23
C VAL A 180 -14.26 -15.49 4.36
N TYR A 181 -14.67 -16.05 3.23
CA TYR A 181 -13.78 -16.77 2.33
C TYR A 181 -13.18 -15.77 1.34
N ILE A 182 -11.86 -15.79 1.21
CA ILE A 182 -11.14 -14.81 0.38
C ILE A 182 -10.52 -15.50 -0.83
N GLY A 183 -10.86 -16.76 -1.06
CA GLY A 183 -10.20 -17.52 -2.11
C GLY A 183 -10.32 -16.87 -3.47
N ASN A 184 -11.53 -16.44 -3.85
CA ASN A 184 -11.75 -15.83 -5.15
C ASN A 184 -11.61 -14.31 -5.11
N ALA A 185 -12.22 -13.67 -4.10
CA ALA A 185 -12.15 -12.24 -3.93
C ALA A 185 -12.56 -11.93 -2.49
N ILE A 186 -12.36 -10.68 -2.10
CA ILE A 186 -12.71 -10.21 -0.76
C ILE A 186 -14.14 -9.69 -0.81
N PRO A 187 -15.08 -10.27 -0.04
CA PRO A 187 -16.45 -9.78 -0.08
C PRO A 187 -16.56 -8.33 0.39
N ASN A 188 -17.72 -7.72 0.17
CA ASN A 188 -17.94 -6.31 0.46
C ASN A 188 -18.97 -6.17 1.58
N ILE A 189 -18.65 -5.32 2.56
CA ILE A 189 -19.64 -4.92 3.56
C ILE A 189 -20.29 -3.64 3.09
N LEU A 190 -21.62 -3.57 3.18
CA LEU A 190 -22.37 -2.40 2.75
C LEU A 190 -23.25 -1.95 3.92
N ILE A 191 -22.99 -0.74 4.41
CA ILE A 191 -23.79 -0.14 5.48
C ILE A 191 -24.65 0.94 4.86
N VAL A 192 -25.97 0.85 5.06
CA VAL A 192 -26.92 1.79 4.49
C VAL A 192 -27.50 2.64 5.61
N TYR A 193 -27.54 3.95 5.38
CA TYR A 193 -28.05 4.90 6.35
C TYR A 193 -29.11 5.77 5.71
N ASN A 194 -30.20 6.02 6.44
CA ASN A 194 -31.30 6.84 5.99
C ASN A 194 -31.33 8.15 6.77
N HIS A 195 -31.81 9.20 6.10
CA HIS A 195 -31.88 10.52 6.71
C HIS A 195 -33.28 11.09 6.46
N SER A 196 -33.61 12.15 7.19
CA SER A 196 -34.90 12.82 7.06
C SER A 196 -34.86 13.93 6.02
N LYS A 197 -33.97 14.90 6.20
CA LYS A 197 -33.82 15.99 5.25
C LYS A 197 -32.70 15.69 4.27
N ILE A 198 -32.65 16.46 3.19
CA ILE A 198 -31.56 16.35 2.21
C ILE A 198 -30.41 17.18 2.78
N TYR A 199 -29.58 16.51 3.58
CA TYR A 199 -28.51 17.20 4.30
C TYR A 199 -27.41 17.64 3.34
N LYS A 200 -26.88 18.83 3.57
CA LYS A 200 -25.80 19.39 2.76
C LYS A 200 -24.59 19.59 3.67
N ASP A 201 -23.42 19.12 3.21
CA ASP A 201 -22.15 19.28 3.95
C ASP A 201 -22.24 18.67 5.34
N LYS A 202 -22.89 17.51 5.45
CA LYS A 202 -22.94 16.75 6.69
C LYS A 202 -22.09 15.50 6.54
N TRP A 203 -21.28 15.22 7.56
CA TRP A 203 -20.27 14.18 7.49
C TRP A 203 -20.41 13.22 8.67
N ILE A 204 -19.88 12.02 8.48
CA ILE A 204 -19.73 11.02 9.54
C ILE A 204 -18.32 10.46 9.44
N LYS A 205 -17.95 9.60 10.39
CA LYS A 205 -16.60 9.05 10.44
C LYS A 205 -16.68 7.54 10.46
N VAL A 206 -16.03 6.90 9.50
CA VAL A 206 -15.95 5.45 9.39
C VAL A 206 -14.56 5.04 9.85
N LEU A 207 -14.47 4.37 10.99
CA LEU A 207 -13.19 3.92 11.54
C LEU A 207 -13.13 2.40 11.41
N ILE A 208 -12.09 1.91 10.74
CA ILE A 208 -11.88 0.48 10.55
C ILE A 208 -10.87 0.02 11.60
N HIS A 209 -11.28 -0.93 12.43
CA HIS A 209 -10.43 -1.41 13.52
C HIS A 209 -10.65 -2.90 13.69
N SER A 210 -9.88 -3.48 14.62
CA SER A 210 -10.04 -4.89 14.96
C SER A 210 -11.07 -5.04 16.08
N ILE A 211 -11.83 -6.13 16.02
CA ILE A 211 -12.81 -6.39 17.06
C ILE A 211 -12.14 -6.57 18.41
N GLU A 212 -10.88 -7.02 18.43
CA GLU A 212 -10.11 -7.15 19.65
C GLU A 212 -9.64 -5.81 20.20
N ASP A 213 -10.01 -4.72 19.54
CA ASP A 213 -9.68 -3.37 20.00
C ASP A 213 -10.94 -2.50 20.01
N LYS A 214 -12.08 -3.11 20.34
CA LYS A 214 -13.36 -2.44 20.29
C LYS A 214 -13.65 -1.60 21.52
N LEU A 215 -12.74 -1.58 22.49
CA LEU A 215 -12.94 -0.81 23.72
C LEU A 215 -12.20 0.52 23.72
N THR A 216 -11.12 0.65 22.94
CA THR A 216 -10.28 1.85 22.95
C THR A 216 -10.01 2.35 21.54
N SER A 217 -10.90 2.04 20.60
CA SER A 217 -10.72 2.41 19.21
C SER A 217 -11.59 3.57 18.77
N HIS A 218 -12.86 3.60 19.19
CA HIS A 218 -13.76 4.67 18.78
C HIS A 218 -13.31 6.04 19.28
N PHE A 219 -12.61 6.10 20.42
CA PHE A 219 -12.19 7.38 20.96
C PHE A 219 -11.35 8.17 19.97
N PHE A 220 -10.54 7.49 19.15
CA PHE A 220 -9.68 8.13 18.17
C PHE A 220 -10.29 8.13 16.78
N ALA A 221 -11.56 7.73 16.66
CA ALA A 221 -12.20 7.69 15.35
C ALA A 221 -12.13 9.04 14.65
N ILE A 222 -12.17 10.13 15.42
CA ILE A 222 -12.15 11.46 14.81
C ILE A 222 -10.82 11.70 14.08
N ASN A 223 -9.73 11.16 14.60
CA ASN A 223 -8.43 11.36 13.97
C ASN A 223 -7.99 10.16 13.14
N VAL A 224 -8.30 8.95 13.59
CA VAL A 224 -7.94 7.75 12.84
C VAL A 224 -9.04 7.30 11.88
N GLY A 225 -10.21 7.93 11.92
CA GLY A 225 -11.30 7.54 11.05
C GLY A 225 -11.16 8.13 9.65
N VAL A 226 -12.15 7.82 8.82
CA VAL A 226 -12.22 8.27 7.43
C VAL A 226 -13.51 9.06 7.28
N ASP A 227 -13.41 10.28 6.77
CA ASP A 227 -14.58 11.12 6.60
C ASP A 227 -15.46 10.59 5.48
N SER A 228 -16.73 10.35 5.79
CA SER A 228 -17.72 9.90 4.82
C SER A 228 -18.81 10.95 4.69
N LEU A 229 -19.05 11.40 3.46
CA LEU A 229 -20.07 12.41 3.21
C LEU A 229 -21.46 11.77 3.21
N LEU A 230 -22.40 12.44 3.86
CA LEU A 230 -23.76 11.94 3.95
C LEU A 230 -24.41 11.93 2.58
N GLN A 231 -25.33 10.98 2.38
CA GLN A 231 -26.09 10.87 1.14
C GLN A 231 -25.17 10.76 -0.07
N GLN A 232 -24.12 9.95 0.08
CA GLN A 232 -23.16 9.74 -0.99
C GLN A 232 -22.38 8.45 -0.78
N MET A 233 -22.51 7.51 -1.72
CA MET A 233 -21.78 6.25 -1.63
C MET A 233 -20.27 6.41 -1.54
N THR A 234 -19.66 5.70 -0.60
CA THR A 234 -18.22 5.72 -0.40
C THR A 234 -17.70 4.29 -0.28
N GLU A 235 -16.47 4.11 -0.75
CA GLU A 235 -15.78 2.83 -0.69
C GLU A 235 -14.51 3.03 0.12
N VAL A 236 -14.33 2.24 1.17
CA VAL A 236 -13.16 2.34 2.04
C VAL A 236 -12.45 1.00 1.96
N ASN A 237 -11.46 0.89 1.08
CA ASN A 237 -10.70 -0.34 0.91
C ASN A 237 -9.55 -0.32 1.92
N PHE A 238 -9.52 -1.32 2.80
CA PHE A 238 -8.54 -1.40 3.86
C PHE A 238 -7.47 -2.44 3.53
N GLN A 239 -6.43 -2.47 4.36
CA GLN A 239 -5.36 -3.45 4.26
C GLN A 239 -5.10 -4.02 5.64
N VAL A 240 -4.73 -5.30 5.69
CA VAL A 240 -4.61 -6.05 6.94
C VAL A 240 -3.14 -6.29 7.25
N ILE A 241 -2.74 -6.00 8.48
CA ILE A 241 -1.37 -6.19 8.93
C ILE A 241 -1.36 -7.08 10.17
N GLN A 242 -1.07 -8.36 9.97
CA GLN A 242 -0.93 -9.28 11.09
C GLN A 242 0.51 -9.30 11.59
N LYS A 243 0.66 -9.38 12.90
CA LYS A 243 1.99 -9.41 13.52
C LYS A 243 1.97 -10.41 14.66
N ILE A 244 2.72 -11.49 14.52
CA ILE A 244 2.83 -12.53 15.53
C ILE A 244 4.06 -12.23 16.36
N ASN A 245 3.84 -11.76 17.59
CA ASN A 245 4.94 -11.48 18.49
C ASN A 245 5.27 -12.71 19.33
N LEU A 246 6.53 -12.79 19.76
CA LEU A 246 6.98 -13.88 20.60
C LEU A 246 6.82 -13.51 22.06
N ASN A 247 6.26 -14.42 22.84
CA ASN A 247 6.13 -14.20 24.28
C ASN A 247 7.51 -14.28 24.92
N LEU A 248 7.94 -13.17 25.51
CA LEU A 248 9.26 -13.06 26.11
C LEU A 248 9.12 -12.88 27.62
N SER A 249 10.07 -13.43 28.37
CA SER A 249 10.02 -13.30 29.83
C SER A 249 10.04 -11.84 30.24
N ASN A 250 10.95 -11.05 29.66
CA ASN A 250 11.01 -9.63 29.99
C ASN A 250 9.80 -8.88 29.44
N ASN A 251 9.34 -9.24 28.25
CA ASN A 251 8.19 -8.58 27.61
C ASN A 251 7.19 -9.63 27.19
N PRO A 252 6.40 -10.15 28.13
CA PRO A 252 5.45 -11.22 27.81
C PRO A 252 4.20 -10.66 27.15
N CYS A 253 3.92 -11.11 25.93
CA CYS A 253 2.72 -10.69 25.23
C CYS A 253 1.50 -11.34 25.87
N LEU A 254 0.34 -10.72 25.66
CA LEU A 254 -0.92 -11.21 26.19
C LEU A 254 -1.92 -11.33 25.05
N PHE A 255 -3.06 -11.95 25.35
CA PHE A 255 -4.11 -12.08 24.37
C PHE A 255 -4.67 -10.69 24.04
N PRO A 256 -5.18 -10.49 22.82
CA PRO A 256 -5.70 -9.16 22.46
C PRO A 256 -6.76 -8.66 23.41
N GLU A 257 -7.58 -9.55 23.98
CA GLU A 257 -8.60 -9.14 24.93
C GLU A 257 -7.98 -8.43 26.13
N GLU A 258 -6.93 -9.03 26.70
CA GLU A 258 -6.31 -8.44 27.89
C GLU A 258 -5.57 -7.15 27.57
N VAL A 259 -4.91 -7.08 26.40
CA VAL A 259 -4.26 -5.84 26.03
C VAL A 259 -5.28 -4.72 25.83
N ASP A 260 -6.41 -5.04 25.19
CA ASP A 260 -7.46 -4.06 25.02
C ASP A 260 -8.03 -3.61 26.35
N LYS A 261 -8.22 -4.55 27.29
CA LYS A 261 -8.69 -4.18 28.62
C LYS A 261 -7.68 -3.29 29.34
N CYS A 262 -6.39 -3.60 29.23
CA CYS A 262 -5.36 -2.77 29.84
C CYS A 262 -5.39 -1.36 29.26
N PHE A 263 -5.49 -1.25 27.93
CA PHE A 263 -5.54 0.07 27.31
C PHE A 263 -6.80 0.83 27.71
N LYS A 264 -7.94 0.15 27.79
CA LYS A 264 -9.16 0.81 28.22
C LYS A 264 -9.03 1.32 29.65
N LYS A 265 -8.48 0.50 30.55
CA LYS A 265 -8.32 0.92 31.93
C LYS A 265 -7.38 2.12 32.02
N CYS A 266 -6.25 2.07 31.31
CA CYS A 266 -5.30 3.17 31.35
C CYS A 266 -5.91 4.44 30.80
N LEU A 267 -6.65 4.33 29.69
CA LEU A 267 -7.32 5.50 29.13
C LEU A 267 -8.32 6.08 30.12
N ASP A 268 -9.06 5.21 30.80
CA ASP A 268 -10.06 5.70 31.76
C ASP A 268 -9.39 6.43 32.93
N ASN A 269 -8.34 5.85 33.50
CA ASN A 269 -7.65 6.53 34.59
C ASN A 269 -7.02 7.85 34.12
N PHE A 270 -6.43 7.85 32.93
CA PHE A 270 -5.76 9.04 32.42
C PHE A 270 -6.74 10.15 32.07
N MET A 271 -7.95 9.80 31.62
CA MET A 271 -9.01 10.78 31.46
C MET A 271 -9.47 11.30 32.80
N PHE A 272 -9.75 10.39 33.75
CA PHE A 272 -10.37 10.78 35.00
C PHE A 272 -9.45 11.64 35.85
N LYS A 273 -8.13 11.41 35.78
CA LYS A 273 -7.22 12.25 36.54
C LYS A 273 -7.38 13.72 36.17
N ASP A 274 -7.26 14.01 34.88
CA ASP A 274 -7.40 15.40 34.42
C ASP A 274 -8.81 15.92 34.62
N LEU A 275 -9.82 15.08 34.40
CA LEU A 275 -11.20 15.54 34.50
C LEU A 275 -11.65 15.73 35.95
N SER A 276 -10.96 15.12 36.91
CA SER A 276 -11.18 15.42 38.31
C SER A 276 -10.37 16.63 38.74
N ARG A 277 -9.20 16.83 38.13
CA ARG A 277 -8.50 18.10 38.29
C ARG A 277 -9.40 19.26 37.87
N ILE A 278 -10.11 19.10 36.75
CA ILE A 278 -10.93 20.19 36.24
C ILE A 278 -12.19 20.37 37.08
N HIS A 279 -13.08 19.38 37.05
CA HIS A 279 -14.34 19.55 37.77
C HIS A 279 -14.86 18.30 38.47
N LYS A 280 -14.16 17.17 38.45
CA LYS A 280 -14.52 16.01 39.25
C LYS A 280 -15.86 15.43 38.81
N CYS A 281 -15.97 15.12 37.52
CA CYS A 281 -17.15 14.44 36.96
C CYS A 281 -16.72 13.70 35.71
N ARG A 282 -17.61 12.87 35.18
CA ARG A 282 -17.30 12.08 33.99
C ARG A 282 -18.25 12.40 32.85
N LEU A 283 -17.68 12.50 31.65
CA LEU A 283 -18.44 12.75 30.43
C LEU A 283 -19.18 11.51 29.97
N PRO A 284 -20.14 11.66 29.07
CA PRO A 284 -20.97 10.51 28.65
C PRO A 284 -20.20 9.36 28.02
N PHE A 285 -18.96 9.59 27.58
CA PHE A 285 -18.21 8.57 26.85
C PHE A 285 -17.17 7.85 27.71
N MET A 286 -17.20 8.04 29.03
CA MET A 286 -16.28 7.35 29.92
C MET A 286 -17.08 6.55 30.94
N ASP A 287 -16.69 5.29 31.18
CA ASP A 287 -17.41 4.45 32.12
C ASP A 287 -16.68 4.14 33.41
N TYR A 288 -15.44 4.58 33.56
CA TYR A 288 -14.63 4.17 34.74
C TYR A 288 -14.86 4.53 36.15
N PRO A 289 -15.07 5.79 36.49
CA PRO A 289 -15.32 6.02 37.91
C PRO A 289 -16.79 5.74 37.94
N PRO A 290 -17.24 4.62 38.54
CA PRO A 290 -18.65 4.30 38.32
C PRO A 290 -19.54 5.07 39.23
N ASP A 291 -19.15 5.28 40.47
CA ASP A 291 -19.93 6.12 41.34
C ASP A 291 -19.91 7.56 40.91
N ILE A 292 -18.77 8.05 40.45
CA ILE A 292 -18.65 9.47 40.14
C ILE A 292 -19.70 9.94 39.14
N PRO A 293 -20.58 10.88 39.53
CA PRO A 293 -21.69 11.28 38.64
C PRO A 293 -21.38 11.81 37.25
N TYR A 294 -22.25 11.62 36.25
CA TYR A 294 -22.04 12.24 34.96
C TYR A 294 -22.08 13.76 35.05
N CYS A 295 -21.31 14.41 34.19
CA CYS A 295 -21.28 15.86 34.16
C CYS A 295 -22.60 16.42 33.65
N ASN A 296 -22.90 17.65 34.06
CA ASN A 296 -24.11 18.36 33.64
C ASN A 296 -23.73 19.45 32.64
N TYR A 297 -24.75 20.18 32.19
CA TYR A 297 -24.54 21.20 31.16
C TYR A 297 -23.63 22.31 31.65
N THR A 298 -23.65 22.62 32.94
CA THR A 298 -22.80 23.68 33.46
C THR A 298 -21.32 23.32 33.34
N ASN A 299 -20.98 22.07 33.64
CA ASN A 299 -19.58 21.64 33.67
C ASN A 299 -19.12 21.00 32.37
N PHE A 300 -20.05 20.58 31.51
CA PHE A 300 -19.64 19.87 30.29
C PHE A 300 -18.75 20.71 29.39
N PRO A 301 -19.02 21.99 29.15
CA PRO A 301 -18.14 22.77 28.25
C PRO A 301 -16.68 22.75 28.67
N GLN A 302 -16.40 23.05 29.94
CA GLN A 302 -15.02 23.07 30.41
C GLN A 302 -14.37 21.70 30.28
N MET A 303 -15.10 20.65 30.66
CA MET A 303 -14.55 19.31 30.60
C MET A 303 -14.23 18.91 29.16
N TYR A 304 -15.15 19.18 28.24
CA TYR A 304 -14.93 18.82 26.85
C TYR A 304 -13.76 19.60 26.26
N THR A 305 -13.68 20.90 26.56
CA THR A 305 -12.57 21.71 26.08
C THR A 305 -11.25 21.18 26.61
N ARG A 306 -11.21 20.74 27.84
CA ARG A 306 -10.00 20.18 28.37
C ARG A 306 -9.74 18.89 27.70
N PHE A 307 -10.71 17.98 27.70
CA PHE A 307 -10.51 16.65 27.13
C PHE A 307 -10.06 16.65 25.68
N ASN A 308 -10.44 17.62 24.88
CA ASN A 308 -9.92 17.70 23.51
C ASN A 308 -8.40 17.85 23.52
N LYS A 309 -7.91 18.82 24.29
CA LYS A 309 -6.47 19.02 24.39
C LYS A 309 -5.79 17.80 25.02
N ILE A 310 -6.43 17.21 26.02
CA ILE A 310 -5.86 16.02 26.66
C ILE A 310 -5.66 14.91 25.64
N LEU A 311 -6.67 14.67 24.81
CA LEU A 311 -6.61 13.61 23.80
C LEU A 311 -5.68 13.96 22.65
N LYS A 312 -5.43 15.24 22.39
CA LYS A 312 -4.53 15.59 21.31
C LYS A 312 -3.13 15.03 21.53
N GLY A 313 -2.63 15.08 22.76
CA GLY A 313 -1.30 14.60 23.08
C GLY A 313 -1.23 13.26 23.79
N PHE A 314 -2.35 12.56 23.96
CA PHE A 314 -2.32 11.27 24.63
C PHE A 314 -1.45 10.30 23.84
N ASN A 315 -0.48 9.68 24.53
CA ASN A 315 0.45 8.75 23.91
C ASN A 315 0.34 7.41 24.62
N LYS A 316 0.27 6.34 23.82
CA LYS A 316 0.10 5.00 24.35
C LYS A 316 1.38 4.47 25.00
N THR A 317 2.53 5.05 24.69
CA THR A 317 3.77 4.59 25.30
C THR A 317 3.74 4.76 26.82
N ASN A 318 3.19 5.89 27.29
CA ASN A 318 3.06 6.09 28.73
C ASN A 318 2.19 5.00 29.36
N CYS A 319 1.14 4.59 28.66
CA CYS A 319 0.30 3.47 29.11
C CYS A 319 1.07 2.18 28.87
N LEU A 320 1.88 1.81 29.85
CA LEU A 320 2.69 0.60 29.75
C LEU A 320 1.81 -0.64 29.87
N CYS A 321 1.36 -1.17 28.74
CA CYS A 321 0.58 -2.40 28.70
C CYS A 321 1.34 -3.45 27.88
N PRO A 322 1.12 -4.73 28.17
CA PRO A 322 1.84 -5.78 27.43
C PRO A 322 1.40 -5.83 25.98
N ARG A 323 2.32 -6.30 25.13
CA ARG A 323 2.04 -6.44 23.72
C ARG A 323 1.04 -7.56 23.48
N LYS A 324 0.69 -7.76 22.21
CA LYS A 324 -0.25 -8.79 21.81
C LYS A 324 0.50 -9.90 21.09
N CYS A 325 0.27 -11.15 21.51
CA CYS A 325 0.93 -12.28 20.87
C CYS A 325 0.49 -12.41 19.42
N ARG A 326 -0.81 -12.23 19.15
CA ARG A 326 -1.34 -12.29 17.78
C ARG A 326 -2.21 -11.05 17.59
N GLU A 327 -1.62 -10.00 17.01
CA GLU A 327 -2.32 -8.75 16.78
C GLU A 327 -2.64 -8.57 15.30
N THR A 328 -3.86 -8.12 15.03
CA THR A 328 -4.31 -7.85 13.67
C THR A 328 -4.72 -6.39 13.58
N ARG A 329 -4.10 -5.67 12.65
CA ARG A 329 -4.42 -4.27 12.41
C ARG A 329 -5.01 -4.12 11.01
N TYR A 330 -5.82 -3.09 10.85
CA TYR A 330 -6.47 -2.78 9.58
C TYR A 330 -6.23 -1.31 9.25
N GLU A 331 -5.42 -1.07 8.23
CA GLU A 331 -5.15 0.28 7.74
C GLU A 331 -6.02 0.53 6.51
N ILE A 332 -6.24 1.81 6.22
CA ILE A 332 -7.06 2.22 5.09
C ILE A 332 -6.18 2.29 3.85
N GLN A 333 -6.35 1.34 2.94
CA GLN A 333 -5.62 1.31 1.68
C GLN A 333 -5.98 2.48 0.78
N TYR A 334 -7.25 2.79 0.64
CA TYR A 334 -7.67 3.97 -0.10
C TYR A 334 -9.17 4.16 0.05
N GLN A 335 -9.64 5.33 -0.38
CA GLN A 335 -11.04 5.71 -0.29
C GLN A 335 -11.49 6.24 -1.65
N PHE A 336 -12.63 5.76 -2.11
CA PHE A 336 -13.17 6.10 -3.41
C PHE A 336 -14.60 6.62 -3.26
N ASN A 337 -15.01 7.50 -4.15
CA ASN A 337 -16.36 8.06 -4.13
C ASN A 337 -17.09 7.59 -5.38
N ILE A 338 -18.26 6.99 -5.19
CA ILE A 338 -19.05 6.42 -6.28
C ILE A 338 -20.31 7.25 -6.44
N GLY A 339 -20.52 7.77 -7.64
CA GLY A 339 -21.73 8.49 -7.94
C GLY A 339 -21.80 9.87 -7.29
N GLY A 340 -22.97 10.47 -7.40
CA GLY A 340 -23.20 11.78 -6.83
C GLY A 340 -24.16 11.74 -5.64
N PHE A 341 -25.08 12.69 -5.59
CA PHE A 341 -26.03 12.74 -4.49
C PHE A 341 -26.91 11.50 -4.47
N ASN A 342 -27.26 11.06 -3.28
CA ASN A 342 -28.16 9.92 -3.09
C ASN A 342 -29.07 10.21 -1.91
N ASN A 343 -30.20 9.52 -1.88
CA ASN A 343 -31.13 9.62 -0.76
C ASN A 343 -30.72 8.77 0.44
N GLN A 344 -29.67 7.96 0.28
CA GLN A 344 -29.17 7.12 1.35
C GLN A 344 -27.65 7.18 1.34
N THR A 345 -27.06 7.05 2.53
CA THR A 345 -25.61 6.99 2.66
C THR A 345 -25.17 5.54 2.61
N PHE A 346 -24.47 5.18 1.53
CA PHE A 346 -23.92 3.84 1.37
C PHE A 346 -22.43 3.87 1.69
N ILE A 347 -22.02 3.07 2.66
CA ILE A 347 -20.62 2.97 3.05
C ILE A 347 -20.17 1.56 2.69
N LYS A 348 -19.24 1.45 1.75
CA LYS A 348 -18.75 0.15 1.32
C LYS A 348 -17.35 -0.08 1.88
N ILE A 349 -17.19 -1.20 2.58
CA ILE A 349 -15.93 -1.59 3.19
C ILE A 349 -15.43 -2.83 2.48
N THR A 350 -14.17 -2.80 2.05
CA THR A 350 -13.61 -3.86 1.22
C THR A 350 -12.10 -3.92 1.44
N SER A 351 -11.48 -4.91 0.79
CA SER A 351 -10.03 -4.99 0.67
C SER A 351 -9.72 -5.47 -0.74
N ARG A 352 -8.81 -4.83 -1.44
CA ARG A 352 -8.39 -5.28 -2.75
C ARG A 352 -6.99 -5.79 -2.60
N ASN A 353 -6.51 -5.90 -1.38
CA ASN A 353 -5.15 -6.31 -1.13
C ASN A 353 -4.89 -7.59 -0.36
N SER A 354 -3.63 -7.96 -0.16
CA SER A 354 -3.28 -9.14 0.58
C SER A 354 -2.83 -8.80 1.97
N ILE A 355 -2.67 -9.80 2.83
CA ILE A 355 -2.35 -9.57 4.23
C ILE A 355 -0.84 -9.47 4.39
N THR A 356 -0.40 -8.55 5.26
CA THR A 356 1.02 -8.36 5.54
C THR A 356 1.35 -9.01 6.87
N LEU A 357 2.14 -10.09 6.81
CA LEU A 357 2.42 -10.91 7.98
C LEU A 357 3.84 -10.63 8.47
N GLU A 358 3.96 -10.33 9.77
CA GLU A 358 5.25 -10.08 10.41
C GLU A 358 5.37 -11.06 11.58
N THR A 359 6.13 -12.14 11.38
CA THR A 359 6.26 -13.19 12.39
C THR A 359 7.61 -13.08 13.08
N GLU A 360 7.60 -13.01 14.41
CA GLU A 360 8.86 -13.00 15.16
C GLU A 360 9.33 -14.42 15.41
N TYR A 361 10.60 -14.68 15.10
CA TYR A 361 11.20 -15.99 15.28
C TYR A 361 12.67 -15.84 15.64
N TRP A 362 13.21 -16.87 16.28
CA TRP A 362 14.61 -16.90 16.69
C TRP A 362 15.43 -17.56 15.59
N SER A 363 16.40 -16.82 15.05
CA SER A 363 17.27 -17.38 14.02
C SER A 363 18.31 -18.31 14.63
N TYR A 364 18.60 -18.20 15.93
CA TYR A 364 19.61 -19.04 16.60
C TYR A 364 18.95 -20.12 17.45
N ASN A 365 19.24 -21.38 17.19
CA ASN A 365 18.71 -22.49 17.99
C ASN A 365 19.77 -22.97 18.98
N PHE A 366 19.36 -23.69 20.03
CA PHE A 366 20.30 -24.18 21.05
C PHE A 366 21.27 -25.13 20.45
N TYR A 367 20.80 -25.93 19.51
CA TYR A 367 21.65 -26.93 18.86
C TYR A 367 22.68 -26.30 17.93
N SER A 368 22.60 -25.01 17.67
CA SER A 368 23.62 -24.31 16.89
C SER A 368 24.53 -23.61 17.85
N LEU A 369 24.05 -23.16 19.00
CA LEU A 369 24.88 -22.59 20.05
C LEU A 369 25.92 -23.61 20.53
N LEU A 370 25.47 -24.84 20.79
CA LEU A 370 26.40 -25.87 21.23
C LEU A 370 27.43 -26.17 20.15
N SER A 371 26.99 -26.23 18.89
CA SER A 371 27.93 -26.49 17.81
C SER A 371 28.97 -25.39 17.69
N ASP A 372 28.55 -24.13 17.83
CA ASP A 372 29.50 -23.02 17.74
C ASP A 372 30.46 -23.00 18.93
N ILE A 373 29.97 -23.30 20.13
CA ILE A 373 30.88 -23.38 21.27
C ILE A 373 31.89 -24.50 21.06
N GLY A 374 31.43 -25.65 20.57
CA GLY A 374 32.35 -26.74 20.27
C GLY A 374 33.36 -26.36 19.22
N GLY A 375 32.93 -25.61 18.20
CA GLY A 375 33.88 -25.16 17.18
C GLY A 375 34.91 -24.21 17.75
N SER A 376 34.48 -23.30 18.62
CA SER A 376 35.44 -22.41 19.27
C SER A 376 36.44 -23.20 20.11
N LEU A 377 35.96 -24.19 20.86
CA LEU A 377 36.85 -25.03 21.66
C LEU A 377 37.82 -25.80 20.78
N GLY A 378 37.33 -26.36 19.67
CA GLY A 378 38.15 -27.13 18.77
C GLY A 378 39.10 -26.32 17.93
N LEU A 379 38.87 -25.02 17.82
CA LEU A 379 39.80 -24.14 17.12
C LEU A 379 40.87 -23.61 18.08
N PHE A 380 40.46 -23.05 19.21
CA PHE A 380 41.42 -22.42 20.12
C PHE A 380 42.28 -23.40 20.91
N LEU A 381 41.67 -24.48 21.41
CA LEU A 381 42.39 -25.42 22.27
C LEU A 381 42.22 -26.88 21.87
N GLY A 382 41.34 -27.21 20.93
CA GLY A 382 41.08 -28.61 20.65
C GLY A 382 40.47 -29.34 21.83
N ALA A 383 39.67 -28.65 22.64
CA ALA A 383 39.11 -29.22 23.85
C ALA A 383 37.79 -29.92 23.53
N SER A 384 37.11 -30.41 24.55
CA SER A 384 35.84 -31.11 24.39
C SER A 384 35.28 -31.38 25.79
N ILE A 385 34.06 -31.93 25.82
CA ILE A 385 33.45 -32.24 27.09
C ILE A 385 34.36 -33.27 27.69
N LEU A 386 34.56 -34.38 26.98
CA LEU A 386 35.41 -35.44 27.49
C LEU A 386 36.69 -34.83 27.95
N SER A 387 37.38 -34.05 27.12
CA SER A 387 38.69 -33.52 27.50
C SER A 387 38.61 -32.79 28.81
N MET A 388 37.82 -31.74 28.85
CA MET A 388 37.77 -30.94 30.05
C MET A 388 37.53 -31.84 31.25
N CYS A 389 36.50 -32.65 31.15
CA CYS A 389 36.15 -33.54 32.26
C CYS A 389 37.34 -34.34 32.73
N ILE B 46 30.12 -40.90 31.63
CA ILE B 46 30.30 -39.61 31.00
C ILE B 46 30.57 -39.78 29.54
N ILE B 47 31.20 -40.88 29.16
CA ILE B 47 31.44 -41.11 27.76
C ILE B 47 30.13 -41.48 27.14
N ILE B 48 29.30 -42.22 27.87
CA ILE B 48 28.02 -42.66 27.31
C ILE B 48 27.00 -41.54 27.20
N ILE B 49 26.95 -40.64 28.18
CA ILE B 49 26.03 -39.53 28.12
C ILE B 49 26.50 -38.50 27.11
N SER B 50 27.81 -38.27 27.03
CA SER B 50 28.30 -37.38 25.99
C SER B 50 28.17 -37.84 24.58
N CYS B 51 28.04 -39.15 24.41
CA CYS B 51 27.91 -39.70 23.09
C CYS B 51 26.45 -39.67 22.69
N ILE B 52 25.54 -39.81 23.65
CA ILE B 52 24.13 -39.70 23.32
C ILE B 52 23.89 -38.24 23.02
N GLY B 53 24.64 -37.33 23.67
CA GLY B 53 24.52 -35.92 23.36
C GLY B 53 25.08 -35.54 22.01
N MET B 54 26.32 -35.93 21.72
CA MET B 54 26.92 -35.68 20.43
C MET B 54 25.98 -36.10 19.35
N PHE B 55 25.43 -37.29 19.44
CA PHE B 55 24.58 -37.81 18.36
C PHE B 55 23.31 -36.99 18.22
N TRP B 56 22.77 -36.52 19.34
CA TRP B 56 21.55 -35.73 19.30
C TRP B 56 21.79 -34.30 18.77
N ASN B 57 22.91 -33.69 19.10
CA ASN B 57 23.20 -32.36 18.58
C ASN B 57 23.52 -32.50 17.12
N VAL B 58 24.01 -33.67 16.68
CA VAL B 58 24.23 -33.82 15.24
C VAL B 58 22.92 -34.04 14.50
N VAL B 59 21.92 -34.65 15.14
CA VAL B 59 20.60 -34.83 14.53
C VAL B 59 19.96 -33.47 14.36
N GLU B 60 19.90 -32.68 15.41
CA GLU B 60 19.27 -31.36 15.37
C GLU B 60 19.85 -30.53 14.24
N ASN B 61 21.17 -30.55 14.07
CA ASN B 61 21.79 -29.80 12.98
C ASN B 61 21.30 -30.31 11.63
N ILE B 62 21.35 -31.62 11.41
CA ILE B 62 21.01 -32.18 10.12
C ILE B 62 19.54 -31.93 9.91
N LYS B 63 18.78 -31.82 10.98
CA LYS B 63 17.39 -31.48 10.84
C LYS B 63 17.33 -30.09 10.31
N LEU B 64 17.77 -29.11 11.08
CA LEU B 64 17.65 -27.72 10.67
C LEU B 64 18.19 -27.44 9.29
N TYR B 65 19.16 -28.21 8.82
CA TYR B 65 19.65 -28.02 7.46
C TYR B 65 18.65 -28.53 6.43
N PHE B 66 18.35 -29.83 6.45
CA PHE B 66 17.50 -30.43 5.43
C PHE B 66 16.03 -30.17 5.71
N TYR B 67 15.55 -30.57 6.89
CA TYR B 67 14.12 -30.51 7.20
C TYR B 67 13.77 -29.17 7.87
N SER B 68 13.86 -28.11 7.07
CA SER B 68 13.50 -26.77 7.51
C SER B 68 12.90 -26.01 6.34
N SER B 69 12.00 -25.08 6.65
CA SER B 69 11.35 -24.30 5.61
C SER B 69 12.30 -23.25 5.05
N PRO B 70 12.25 -22.97 3.73
CA PRO B 70 13.11 -21.93 3.18
C PRO B 70 12.73 -20.57 3.73
N SER B 71 13.75 -19.76 4.01
CA SER B 71 13.51 -18.43 4.55
C SER B 71 13.22 -17.44 3.41
N VAL B 72 12.66 -16.29 3.77
CA VAL B 72 12.14 -15.33 2.80
C VAL B 72 12.81 -13.98 3.03
N LYS B 73 13.29 -13.37 1.94
CA LYS B 73 13.85 -12.04 1.96
C LYS B 73 12.85 -11.09 1.34
N PHE B 74 12.53 -10.02 2.07
CA PHE B 74 11.52 -9.04 1.66
C PHE B 74 12.21 -7.74 1.28
N GLU B 75 11.88 -7.22 0.09
CA GLU B 75 12.48 -5.99 -0.40
C GLU B 75 11.42 -5.11 -1.02
N TYR B 76 11.68 -3.81 -1.00
CA TYR B 76 10.87 -2.81 -1.71
C TYR B 76 11.78 -2.20 -2.79
N ILE B 77 11.81 -2.86 -3.96
CA ILE B 77 12.79 -2.52 -4.98
C ILE B 77 12.21 -1.52 -5.97
N LYS B 78 13.09 -0.74 -6.58
CA LYS B 78 12.73 0.24 -7.61
C LYS B 78 13.37 -0.26 -8.91
N ASN B 79 12.66 -1.10 -9.64
CA ASN B 79 13.18 -1.71 -10.86
C ASN B 79 13.15 -0.69 -11.98
N ASP B 80 14.30 -0.50 -12.63
CA ASP B 80 14.39 0.48 -13.72
C ASP B 80 13.49 0.11 -14.89
N SER B 81 13.17 -1.17 -15.06
CA SER B 81 12.26 -1.64 -16.09
C SER B 81 11.24 -2.57 -15.46
N LEU B 82 9.96 -2.34 -15.76
CA LEU B 82 8.86 -3.08 -15.17
C LEU B 82 7.96 -3.64 -16.25
N TYR B 83 7.53 -4.88 -16.07
CA TYR B 83 6.55 -5.50 -16.98
C TYR B 83 5.16 -5.00 -16.61
N PHE B 84 4.56 -4.22 -17.49
CA PHE B 84 3.22 -3.73 -17.21
C PHE B 84 2.21 -4.88 -17.25
N PRO B 85 1.15 -4.80 -16.44
CA PRO B 85 0.15 -5.86 -16.43
C PRO B 85 -0.72 -5.83 -17.67
N ALA B 86 -1.33 -6.97 -17.95
CA ALA B 86 -2.46 -7.03 -18.85
C ALA B 86 -3.69 -6.45 -18.18
N ILE B 87 -4.47 -5.72 -18.96
CA ILE B 87 -5.70 -5.08 -18.49
C ILE B 87 -6.86 -5.68 -19.27
N THR B 88 -7.75 -6.37 -18.57
CA THR B 88 -8.92 -6.96 -19.20
C THR B 88 -10.13 -6.07 -18.90
N ILE B 89 -10.73 -5.53 -19.94
CA ILE B 89 -11.96 -4.75 -19.84
C ILE B 89 -13.10 -5.70 -20.18
N CYS B 90 -13.99 -5.91 -19.21
CA CYS B 90 -15.10 -6.83 -19.33
C CYS B 90 -16.42 -6.09 -19.16
N PRO B 91 -17.49 -6.54 -19.80
CA PRO B 91 -18.80 -5.95 -19.53
C PRO B 91 -19.30 -6.33 -18.15
N PHE B 92 -20.14 -5.47 -17.58
CA PHE B 92 -20.71 -5.72 -16.28
C PHE B 92 -21.78 -6.80 -16.38
N LEU B 93 -22.39 -7.12 -15.24
CA LEU B 93 -23.40 -8.17 -15.15
C LEU B 93 -24.35 -8.16 -16.35
N LEU B 94 -24.67 -9.34 -16.87
CA LEU B 94 -25.59 -9.44 -17.99
C LEU B 94 -26.97 -8.89 -17.67
N ASN B 95 -27.25 -8.46 -16.45
CA ASN B 95 -28.53 -7.77 -16.19
C ASN B 95 -28.43 -6.29 -16.45
N TRP B 96 -27.23 -5.80 -16.66
CA TRP B 96 -27.00 -4.38 -16.82
C TRP B 96 -26.47 -4.02 -18.19
N ASN B 97 -26.40 -4.98 -19.10
CA ASN B 97 -25.81 -4.70 -20.39
C ASN B 97 -26.78 -3.83 -21.11
N PRO B 98 -26.29 -2.77 -21.76
CA PRO B 98 -27.20 -1.84 -22.40
C PRO B 98 -27.89 -2.46 -23.59
N PHE B 99 -27.53 -3.69 -23.95
CA PHE B 99 -28.17 -4.40 -25.05
C PHE B 99 -29.49 -4.94 -24.56
N PHE B 100 -29.60 -5.11 -23.25
CA PHE B 100 -30.83 -5.56 -22.65
C PHE B 100 -31.45 -4.35 -21.97
N THR B 101 -30.74 -3.72 -21.05
CA THR B 101 -31.33 -2.65 -20.29
C THR B 101 -32.00 -1.59 -21.12
N GLU B 102 -31.33 -1.14 -22.16
CA GLU B 102 -31.87 -0.05 -22.95
C GLU B 102 -33.17 -0.31 -23.65
N SER B 103 -33.30 -1.47 -24.25
CA SER B 103 -34.50 -1.75 -25.02
C SER B 103 -35.73 -1.72 -24.14
N ILE B 104 -35.77 -2.60 -23.15
CA ILE B 104 -36.93 -2.69 -22.28
C ILE B 104 -37.16 -1.49 -21.39
N SER B 105 -38.28 -1.48 -20.67
CA SER B 105 -38.63 -0.33 -19.86
C SER B 105 -38.03 -0.28 -18.47
N PHE B 106 -38.22 -1.35 -17.69
CA PHE B 106 -37.72 -1.39 -16.33
C PHE B 106 -36.22 -1.65 -16.27
N PHE B 107 -35.67 -1.70 -15.07
CA PHE B 107 -34.26 -2.05 -14.96
C PHE B 107 -34.25 -3.54 -14.83
N PRO B 108 -33.77 -4.24 -15.88
CA PRO B 108 -33.88 -5.68 -15.81
C PRO B 108 -33.27 -6.25 -14.58
N GLU B 109 -33.85 -7.35 -14.10
CA GLU B 109 -33.15 -8.28 -13.24
C GLU B 109 -32.72 -9.52 -14.00
N MET B 110 -31.97 -10.42 -13.38
CA MET B 110 -31.38 -11.57 -14.05
C MET B 110 -32.46 -12.51 -14.58
N ASN B 111 -33.52 -12.74 -13.81
CA ASN B 111 -34.61 -13.57 -14.29
C ASN B 111 -35.32 -12.93 -15.48
N ASP B 112 -35.48 -11.61 -15.47
CA ASP B 112 -36.04 -10.94 -16.64
C ASP B 112 -35.15 -11.12 -17.86
N ILE B 113 -33.83 -11.08 -17.66
CA ILE B 113 -32.91 -11.30 -18.77
C ILE B 113 -33.05 -12.73 -19.28
N PHE B 114 -33.20 -13.71 -18.39
CA PHE B 114 -33.40 -15.08 -18.82
C PHE B 114 -34.68 -15.23 -19.62
N GLU B 115 -35.76 -14.57 -19.17
CA GLU B 115 -37.01 -14.61 -19.93
C GLU B 115 -36.83 -13.98 -21.30
N ILE B 116 -36.12 -12.85 -21.37
CA ILE B 116 -35.88 -12.20 -22.66
C ILE B 116 -35.10 -13.12 -23.58
N ILE B 117 -34.05 -13.78 -23.05
CA ILE B 117 -33.25 -14.75 -23.83
C ILE B 117 -34.12 -15.93 -24.26
N GLU B 118 -35.14 -16.25 -23.50
CA GLU B 118 -36.07 -17.31 -23.90
C GLU B 118 -37.04 -16.80 -24.93
N THR B 119 -37.46 -15.54 -24.86
CA THR B 119 -38.43 -14.99 -25.79
C THR B 119 -37.78 -14.81 -27.13
N ASN B 120 -36.86 -13.86 -27.24
CA ASN B 120 -36.12 -13.70 -28.47
C ASN B 120 -35.18 -14.85 -28.36
N GLU B 121 -35.19 -15.75 -29.32
CA GLU B 121 -34.37 -16.94 -29.21
C GLU B 121 -32.93 -16.73 -29.68
N TYR B 122 -32.09 -16.18 -28.80
CA TYR B 122 -30.69 -15.99 -29.15
C TYR B 122 -29.68 -17.10 -29.19
N ASP B 123 -28.82 -17.09 -30.19
CA ASP B 123 -27.72 -18.04 -30.21
C ASP B 123 -26.90 -17.47 -29.10
N MET B 124 -26.42 -18.29 -28.18
CA MET B 124 -25.71 -17.75 -27.02
C MET B 124 -24.40 -17.17 -27.48
N LEU B 125 -23.93 -17.54 -28.65
CA LEU B 125 -22.75 -16.89 -29.20
C LEU B 125 -23.00 -15.58 -29.84
N TYR B 126 -24.22 -15.36 -30.34
CA TYR B 126 -24.61 -14.08 -30.85
C TYR B 126 -24.78 -13.20 -29.65
N LEU B 127 -25.35 -13.73 -28.58
CA LEU B 127 -25.61 -12.92 -27.42
C LEU B 127 -24.29 -12.52 -26.81
N TRP B 128 -23.29 -13.39 -26.77
CA TRP B 128 -21.97 -12.98 -26.25
C TRP B 128 -21.31 -11.92 -27.13
N ASN B 129 -21.47 -12.02 -28.44
CA ASN B 129 -20.94 -11.00 -29.35
C ASN B 129 -21.58 -9.65 -29.13
N LYS B 130 -22.90 -9.61 -28.95
CA LYS B 130 -23.60 -8.32 -28.83
C LYS B 130 -23.31 -7.54 -27.54
N THR B 131 -22.78 -8.17 -26.52
CA THR B 131 -22.56 -7.52 -25.22
C THR B 131 -21.43 -6.48 -25.31
N ASP B 132 -20.33 -6.82 -25.98
CA ASP B 132 -19.17 -5.94 -25.99
C ASP B 132 -19.40 -4.66 -26.79
N GLU B 133 -20.52 -4.56 -27.51
CA GLU B 133 -20.70 -3.46 -28.44
C GLU B 133 -20.78 -2.11 -27.74
N TYR B 134 -20.95 -2.10 -26.41
CA TYR B 134 -21.27 -0.84 -25.75
C TYR B 134 -20.04 -0.10 -25.20
N PHE B 135 -18.83 -0.59 -25.45
CA PHE B 135 -17.67 0.28 -25.17
C PHE B 135 -16.91 0.66 -26.43
N GLN B 136 -16.90 -0.22 -27.44
CA GLN B 136 -16.41 0.14 -28.77
C GLN B 136 -15.02 0.80 -28.69
N TYR B 137 -14.01 0.01 -28.32
CA TYR B 137 -12.65 0.51 -28.21
C TYR B 137 -12.31 1.46 -29.36
N ASP B 138 -11.77 2.62 -29.02
CA ASP B 138 -11.36 3.62 -30.00
C ASP B 138 -9.85 3.83 -30.04
N ASP B 139 -9.18 3.80 -28.89
CA ASP B 139 -7.74 3.99 -28.86
C ASP B 139 -7.15 3.59 -27.51
N SER B 140 -5.97 2.99 -27.54
CA SER B 140 -5.23 2.63 -26.34
C SER B 140 -3.74 2.78 -26.61
N TYR B 141 -3.04 3.46 -25.72
CA TYR B 141 -1.61 3.69 -25.93
C TYR B 141 -0.92 3.86 -24.59
N VAL B 142 0.35 3.45 -24.56
CA VAL B 142 1.25 3.73 -23.45
C VAL B 142 1.91 5.07 -23.72
N TYR B 143 1.75 6.01 -22.78
CA TYR B 143 2.31 7.34 -22.90
C TYR B 143 2.91 7.76 -21.56
N GLN B 144 3.89 8.65 -21.64
CA GLN B 144 4.55 9.18 -20.45
C GLN B 144 4.02 10.58 -20.14
N ASP B 145 4.06 10.92 -18.86
CA ASP B 145 3.68 12.26 -18.41
C ASP B 145 4.91 13.14 -18.47
N ALA B 146 5.08 13.82 -19.60
CA ALA B 146 6.24 14.67 -19.85
C ALA B 146 5.82 16.14 -19.81
N LEU B 147 6.81 17.02 -19.92
CA LEU B 147 6.57 18.47 -19.92
C LEU B 147 6.09 18.98 -21.26
N ILE B 148 6.14 18.16 -22.31
CA ILE B 148 5.54 18.46 -23.60
C ILE B 148 4.67 17.26 -23.94
N GLU B 149 3.36 17.41 -23.83
CA GLU B 149 2.45 16.26 -23.93
C GLU B 149 2.66 15.52 -25.25
N GLU B 150 2.75 14.20 -25.14
CA GLU B 150 2.95 13.35 -26.32
C GLU B 150 1.70 13.37 -27.19
N ASP B 151 1.93 13.38 -28.52
CA ASP B 151 0.81 13.47 -29.46
C ASP B 151 1.07 12.50 -30.62
N GLU B 152 0.56 11.27 -30.47
CA GLU B 152 0.42 10.25 -31.51
C GLU B 152 1.73 9.84 -32.15
N PHE B 153 2.87 10.38 -31.72
CA PHE B 153 4.17 10.00 -32.27
C PHE B 153 5.06 9.28 -31.28
N ASP B 154 4.97 9.60 -29.99
CA ASP B 154 5.80 8.96 -28.96
C ASP B 154 5.02 7.80 -28.32
N ARG B 155 3.75 8.04 -28.00
CA ARG B 155 2.92 7.03 -27.37
C ARG B 155 2.85 5.77 -28.23
N SER B 156 3.03 4.62 -27.59
CA SER B 156 2.98 3.35 -28.28
C SER B 156 1.57 2.80 -28.30
N SER B 157 1.10 2.42 -29.48
CA SER B 157 -0.30 2.04 -29.69
C SER B 157 -0.48 0.56 -29.40
N ILE B 158 -1.45 0.23 -28.55
CA ILE B 158 -1.79 -1.14 -28.21
C ILE B 158 -3.00 -1.57 -29.05
N ILE B 159 -3.05 -2.85 -29.36
CA ILE B 159 -4.19 -3.45 -30.06
C ILE B 159 -4.78 -4.52 -29.16
N PRO B 160 -5.94 -4.28 -28.55
CA PRO B 160 -6.51 -5.28 -27.64
C PRO B 160 -6.89 -6.57 -28.36
N ASN B 161 -7.03 -7.64 -27.55
CA ASN B 161 -7.50 -8.93 -28.05
C ASN B 161 -8.94 -8.92 -28.49
N THR B 162 -9.80 -8.29 -27.72
CA THR B 162 -11.19 -8.13 -28.10
C THR B 162 -12.05 -9.33 -28.32
N GLU B 163 -11.52 -10.53 -28.16
CA GLU B 163 -12.25 -11.76 -28.44
C GLU B 163 -12.19 -12.70 -27.27
N ILE B 164 -11.96 -12.19 -26.06
CA ILE B 164 -11.98 -13.06 -24.90
C ILE B 164 -13.43 -13.36 -24.55
N MET B 165 -13.70 -14.59 -24.13
CA MET B 165 -15.02 -14.98 -23.65
C MET B 165 -14.94 -15.18 -22.15
N SER B 166 -15.80 -14.48 -21.41
CA SER B 166 -15.76 -14.47 -19.96
C SER B 166 -17.19 -14.57 -19.45
N VAL B 167 -17.31 -14.74 -18.13
CA VAL B 167 -18.60 -15.05 -17.51
C VAL B 167 -19.65 -14.00 -17.84
N SER B 168 -19.22 -12.77 -18.12
CA SER B 168 -20.14 -11.67 -18.35
C SER B 168 -20.34 -11.35 -19.83
N GLY B 169 -19.52 -11.89 -20.72
CA GLY B 169 -19.65 -11.60 -22.13
C GLY B 169 -18.29 -11.57 -22.79
N LYS B 170 -18.14 -10.74 -23.81
CA LYS B 170 -16.90 -10.65 -24.56
C LYS B 170 -16.03 -9.54 -23.97
N CYS B 171 -14.79 -9.89 -23.63
CA CYS B 171 -13.84 -9.02 -22.97
C CYS B 171 -12.64 -8.74 -23.87
N HIS B 172 -12.01 -7.59 -23.62
CA HIS B 172 -10.86 -7.12 -24.39
C HIS B 172 -9.65 -7.13 -23.49
N MET B 173 -8.56 -7.76 -23.91
CA MET B 173 -7.31 -7.76 -23.17
C MET B 173 -6.30 -6.85 -23.85
N TYR B 174 -5.74 -5.92 -23.09
CA TYR B 174 -4.64 -5.08 -23.54
C TYR B 174 -3.37 -5.53 -22.84
N SER B 175 -2.27 -5.60 -23.58
CA SER B 175 -1.02 -6.08 -23.02
C SER B 175 0.16 -5.46 -23.78
N LEU B 176 1.31 -5.48 -23.13
CA LEU B 176 2.57 -5.03 -23.73
C LEU B 176 3.51 -6.22 -23.89
N GLU B 177 4.35 -6.15 -24.92
CA GLU B 177 5.27 -7.23 -25.21
C GLU B 177 6.66 -7.10 -24.59
N GLU B 178 7.10 -5.89 -24.24
CA GLU B 178 8.41 -5.67 -23.67
C GLU B 178 8.31 -4.59 -22.59
N PRO B 179 9.09 -4.71 -21.51
CA PRO B 179 8.98 -3.72 -20.42
C PRO B 179 9.27 -2.26 -20.73
N VAL B 180 8.58 -1.39 -20.01
CA VAL B 180 8.79 0.05 -20.12
C VAL B 180 9.84 0.47 -19.09
N TYR B 181 10.38 1.68 -19.28
CA TYR B 181 11.45 2.20 -18.43
C TYR B 181 10.81 2.94 -17.26
N ILE B 182 11.24 2.61 -16.04
CA ILE B 182 10.64 3.15 -14.83
C ILE B 182 11.63 4.06 -14.11
N GLY B 183 12.75 4.38 -14.76
CA GLY B 183 13.79 5.12 -14.08
C GLY B 183 13.32 6.46 -13.53
N ASN B 184 12.61 7.23 -14.35
CA ASN B 184 12.13 8.53 -13.92
C ASN B 184 10.73 8.47 -13.34
N ALA B 185 9.82 7.75 -13.99
CA ALA B 185 8.45 7.60 -13.52
C ALA B 185 7.86 6.40 -14.23
N ILE B 186 6.68 5.98 -13.78
CA ILE B 186 5.96 4.86 -14.36
C ILE B 186 5.05 5.41 -15.46
N PRO B 187 5.22 4.99 -16.73
CA PRO B 187 4.35 5.51 -17.78
C PRO B 187 2.89 5.14 -17.56
N ASN B 188 2.00 5.76 -18.32
CA ASN B 188 0.56 5.59 -18.15
C ASN B 188 -0.02 4.89 -19.38
N ILE B 189 -0.86 3.89 -19.14
CA ILE B 189 -1.66 3.29 -20.20
C ILE B 189 -3.01 3.98 -20.22
N LEU B 190 -3.48 4.34 -21.41
CA LEU B 190 -4.76 5.03 -21.56
C LEU B 190 -5.61 4.25 -22.57
N ILE B 191 -6.73 3.72 -22.10
CA ILE B 191 -7.67 3.01 -22.96
C ILE B 191 -8.87 3.91 -23.19
N VAL B 192 -9.20 4.17 -24.44
CA VAL B 192 -10.29 5.05 -24.82
C VAL B 192 -11.42 4.21 -25.41
N TYR B 193 -12.64 4.48 -24.94
CA TYR B 193 -13.82 3.74 -25.40
C TYR B 193 -14.88 4.75 -25.86
N ASN B 194 -15.52 4.43 -26.98
CA ASN B 194 -16.58 5.26 -27.55
C ASN B 194 -17.92 4.56 -27.40
N HIS B 195 -18.98 5.37 -27.27
CA HIS B 195 -20.33 4.84 -27.11
C HIS B 195 -21.24 5.57 -28.09
N SER B 196 -22.44 5.02 -28.27
CA SER B 196 -23.44 5.60 -29.17
C SER B 196 -24.34 6.59 -28.44
N LYS B 197 -25.02 6.13 -27.39
CA LYS B 197 -25.88 6.99 -26.60
C LYS B 197 -25.13 7.52 -25.38
N ILE B 198 -25.71 8.54 -24.74
CA ILE B 198 -25.16 9.07 -23.48
C ILE B 198 -25.68 8.16 -22.38
N TYR B 199 -24.91 7.11 -22.11
CA TYR B 199 -25.33 6.09 -21.17
C TYR B 199 -25.29 6.61 -19.74
N LYS B 200 -26.29 6.25 -18.95
CA LYS B 200 -26.39 6.64 -17.55
C LYS B 200 -26.33 5.38 -16.70
N ASP B 201 -25.49 5.40 -15.66
CA ASP B 201 -25.34 4.27 -14.73
C ASP B 201 -24.97 2.98 -15.44
N LYS B 202 -24.09 3.08 -16.42
CA LYS B 202 -23.55 1.91 -17.11
C LYS B 202 -22.09 1.74 -16.72
N TRP B 203 -21.70 0.50 -16.41
CA TRP B 203 -20.41 0.20 -15.83
C TRP B 203 -19.71 -0.88 -16.64
N ILE B 204 -18.38 -0.91 -16.49
CA ILE B 204 -17.54 -1.97 -17.02
C ILE B 204 -16.57 -2.38 -15.92
N LYS B 205 -15.78 -3.41 -16.17
CA LYS B 205 -14.86 -3.94 -15.17
C LYS B 205 -13.45 -3.95 -15.73
N VAL B 206 -12.53 -3.29 -15.04
CA VAL B 206 -11.12 -3.26 -15.42
C VAL B 206 -10.38 -4.16 -14.45
N LEU B 207 -9.87 -5.28 -14.96
CA LEU B 207 -9.13 -6.24 -14.15
C LEU B 207 -7.66 -6.18 -14.54
N ILE B 208 -6.80 -5.91 -13.57
CA ILE B 208 -5.36 -5.84 -13.77
C ILE B 208 -4.76 -7.17 -13.37
N HIS B 209 -4.09 -7.84 -14.30
CA HIS B 209 -3.52 -9.15 -14.03
C HIS B 209 -2.20 -9.28 -14.77
N SER B 210 -1.54 -10.42 -14.58
CA SER B 210 -0.31 -10.72 -15.29
C SER B 210 -0.61 -11.41 -16.60
N ILE B 211 0.20 -11.11 -17.62
CA ILE B 211 0.02 -11.77 -18.91
C ILE B 211 0.21 -13.27 -18.80
N GLU B 212 1.01 -13.73 -17.83
CA GLU B 212 1.22 -15.14 -17.57
C GLU B 212 0.01 -15.79 -16.89
N ASP B 213 -1.06 -15.02 -16.66
CA ASP B 213 -2.29 -15.53 -16.08
C ASP B 213 -3.48 -15.10 -16.91
N LYS B 214 -3.29 -15.03 -18.24
CA LYS B 214 -4.29 -14.53 -19.15
C LYS B 214 -5.33 -15.56 -19.52
N LEU B 215 -5.22 -16.79 -19.02
CA LEU B 215 -6.16 -17.86 -19.33
C LEU B 215 -7.19 -18.10 -18.24
N THR B 216 -6.89 -17.73 -16.99
CA THR B 216 -7.77 -18.00 -15.86
C THR B 216 -8.00 -16.76 -15.01
N SER B 217 -7.84 -15.57 -15.60
CA SER B 217 -7.96 -14.32 -14.87
C SER B 217 -9.26 -13.58 -15.13
N HIS B 218 -9.72 -13.55 -16.39
CA HIS B 218 -10.94 -12.83 -16.71
C HIS B 218 -12.17 -13.42 -16.03
N PHE B 219 -12.16 -14.73 -15.75
CA PHE B 219 -13.32 -15.36 -15.14
C PHE B 219 -13.69 -14.70 -13.81
N PHE B 220 -12.70 -14.24 -13.06
CA PHE B 220 -12.93 -13.60 -11.77
C PHE B 220 -12.93 -12.08 -11.86
N ALA B 221 -12.91 -11.53 -13.09
CA ALA B 221 -12.90 -10.09 -13.25
C ALA B 221 -14.06 -9.43 -12.53
N ILE B 222 -15.21 -10.12 -12.44
CA ILE B 222 -16.38 -9.53 -11.81
C ILE B 222 -16.11 -9.29 -10.32
N ASN B 223 -15.34 -10.17 -9.68
CA ASN B 223 -15.07 -10.01 -8.26
C ASN B 223 -13.69 -9.41 -7.99
N VAL B 224 -12.69 -9.74 -8.81
CA VAL B 224 -11.35 -9.19 -8.64
C VAL B 224 -11.12 -7.92 -9.45
N GLY B 225 -12.08 -7.54 -10.30
CA GLY B 225 -11.93 -6.36 -11.12
C GLY B 225 -12.26 -5.08 -10.37
N VAL B 226 -12.16 -3.97 -11.08
CA VAL B 226 -12.43 -2.64 -10.55
C VAL B 226 -13.53 -2.04 -11.40
N ASP B 227 -14.60 -1.56 -10.75
CA ASP B 227 -15.72 -0.99 -11.47
C ASP B 227 -15.33 0.37 -12.07
N SER B 228 -15.53 0.50 -13.38
CA SER B 228 -15.27 1.75 -14.08
C SER B 228 -16.57 2.26 -14.68
N LEU B 229 -16.91 3.51 -14.36
CA LEU B 229 -18.13 4.11 -14.87
C LEU B 229 -17.94 4.57 -16.31
N LEU B 230 -18.95 4.30 -17.13
CA LEU B 230 -18.88 4.68 -18.53
C LEU B 230 -18.90 6.19 -18.68
N GLN B 231 -18.25 6.67 -19.74
CA GLN B 231 -18.20 8.09 -20.06
C GLN B 231 -17.67 8.90 -18.89
N GLN B 232 -16.61 8.39 -18.27
CA GLN B 232 -15.99 9.06 -17.13
C GLN B 232 -14.57 8.57 -16.92
N MET B 233 -13.60 9.48 -17.05
CA MET B 233 -12.20 9.12 -16.83
C MET B 233 -11.90 8.53 -15.46
N THR B 234 -11.17 7.41 -15.45
CA THR B 234 -10.79 6.73 -14.23
C THR B 234 -9.30 6.41 -14.26
N GLU B 235 -8.70 6.43 -13.08
CA GLU B 235 -7.30 6.10 -12.90
C GLU B 235 -7.21 4.91 -11.96
N VAL B 236 -6.55 3.84 -12.39
CA VAL B 236 -6.40 2.64 -11.60
C VAL B 236 -4.91 2.44 -11.38
N ASN B 237 -4.40 2.93 -10.24
CA ASN B 237 -2.99 2.79 -9.91
C ASN B 237 -2.79 1.46 -9.20
N PHE B 238 -1.95 0.60 -9.79
CA PHE B 238 -1.71 -0.74 -9.28
C PHE B 238 -0.38 -0.81 -8.55
N GLN B 239 -0.15 -1.95 -7.90
CA GLN B 239 1.11 -2.25 -7.24
C GLN B 239 1.55 -3.65 -7.63
N VAL B 240 2.87 -3.84 -7.72
CA VAL B 240 3.44 -5.07 -8.26
C VAL B 240 4.08 -5.86 -7.13
N ILE B 241 3.76 -7.16 -7.07
CA ILE B 241 4.29 -8.06 -6.06
C ILE B 241 4.98 -9.24 -6.74
N GLN B 242 6.30 -9.18 -6.83
CA GLN B 242 7.07 -10.29 -7.36
C GLN B 242 7.45 -11.26 -6.24
N LYS B 243 7.40 -12.55 -6.55
CA LYS B 243 7.74 -13.58 -5.58
C LYS B 243 8.53 -14.66 -6.29
N ILE B 244 9.80 -14.82 -5.91
CA ILE B 244 10.68 -15.81 -6.48
C ILE B 244 10.66 -17.02 -5.55
N ASN B 245 9.98 -18.09 -5.99
CA ASN B 245 9.93 -19.30 -5.21
C ASN B 245 11.09 -20.22 -5.57
N LEU B 246 11.48 -21.06 -4.62
CA LEU B 246 12.55 -22.03 -4.83
C LEU B 246 11.95 -23.34 -5.32
N ASN B 247 12.55 -23.91 -6.37
CA ASN B 247 12.12 -25.20 -6.87
C ASN B 247 12.52 -26.28 -5.88
N LEU B 248 11.52 -26.97 -5.33
CA LEU B 248 11.74 -27.98 -4.30
C LEU B 248 11.33 -29.34 -4.85
N SER B 249 12.03 -30.39 -4.42
CA SER B 249 11.72 -31.73 -4.88
C SER B 249 10.28 -32.10 -4.53
N ASN B 250 9.88 -31.85 -3.28
CA ASN B 250 8.51 -32.15 -2.87
C ASN B 250 7.51 -31.21 -3.53
N ASN B 251 7.87 -29.94 -3.68
CA ASN B 251 6.99 -28.93 -4.27
C ASN B 251 7.74 -28.21 -5.38
N PRO B 252 7.87 -28.85 -6.55
CA PRO B 252 8.64 -28.23 -7.65
C PRO B 252 7.82 -27.16 -8.36
N CYS B 253 8.32 -25.94 -8.37
CA CYS B 253 7.66 -24.86 -9.07
C CYS B 253 7.83 -25.05 -10.58
N LEU B 254 6.91 -24.44 -11.34
CA LEU B 254 6.94 -24.52 -12.79
C LEU B 254 6.90 -23.11 -13.37
N PHE B 255 7.12 -23.01 -14.67
CA PHE B 255 7.05 -21.73 -15.34
C PHE B 255 5.61 -21.20 -15.28
N PRO B 256 5.43 -19.87 -15.27
CA PRO B 256 4.06 -19.33 -15.20
C PRO B 256 3.14 -19.85 -16.28
N GLU B 257 3.68 -20.12 -17.48
CA GLU B 257 2.86 -20.66 -18.57
C GLU B 257 2.22 -21.98 -18.16
N GLU B 258 3.02 -22.88 -17.59
CA GLU B 258 2.50 -24.21 -17.24
C GLU B 258 1.55 -24.13 -16.06
N VAL B 259 1.81 -23.26 -15.08
CA VAL B 259 0.88 -23.11 -13.97
C VAL B 259 -0.45 -22.55 -14.46
N ASP B 260 -0.39 -21.57 -15.36
CA ASP B 260 -1.62 -21.02 -15.93
C ASP B 260 -2.39 -22.08 -16.72
N LYS B 261 -1.67 -22.90 -17.49
CA LYS B 261 -2.33 -23.99 -18.21
C LYS B 261 -2.97 -25.00 -17.25
N CYS B 262 -2.28 -25.33 -16.16
CA CYS B 262 -2.84 -26.25 -15.17
C CYS B 262 -4.11 -25.67 -14.55
N PHE B 263 -4.07 -24.39 -14.19
CA PHE B 263 -5.25 -23.76 -13.61
C PHE B 263 -6.40 -23.69 -14.61
N LYS B 264 -6.10 -23.38 -15.87
CA LYS B 264 -7.15 -23.35 -16.88
C LYS B 264 -7.78 -24.74 -17.06
N LYS B 265 -6.95 -25.78 -17.12
CA LYS B 265 -7.48 -27.12 -17.28
C LYS B 265 -8.34 -27.50 -16.08
N CYS B 266 -7.86 -27.23 -14.87
CA CYS B 266 -8.64 -27.57 -13.68
C CYS B 266 -9.95 -26.81 -13.63
N LEU B 267 -9.92 -25.52 -13.97
CA LEU B 267 -11.16 -24.75 -14.01
C LEU B 267 -12.12 -25.32 -15.03
N ASP B 268 -11.62 -25.72 -16.20
CA ASP B 268 -12.49 -26.27 -17.23
C ASP B 268 -13.14 -27.57 -16.77
N ASN B 269 -12.34 -28.49 -16.19
CA ASN B 269 -12.93 -29.73 -15.71
C ASN B 269 -13.93 -29.49 -14.58
N PHE B 270 -13.60 -28.58 -13.67
CA PHE B 270 -14.46 -28.30 -12.52
C PHE B 270 -15.75 -27.61 -12.94
N MET B 271 -15.72 -26.78 -13.98
CA MET B 271 -16.95 -26.25 -14.54
C MET B 271 -17.75 -27.34 -15.23
N PHE B 272 -17.10 -28.14 -16.06
CA PHE B 272 -17.81 -29.11 -16.90
C PHE B 272 -18.46 -30.20 -16.06
N LYS B 273 -17.84 -30.59 -14.95
CA LYS B 273 -18.45 -31.60 -14.10
C LYS B 273 -19.85 -31.18 -13.65
N ASP B 274 -19.93 -29.99 -13.04
CA ASP B 274 -21.21 -29.49 -12.56
C ASP B 274 -22.16 -29.18 -13.71
N LEU B 275 -21.64 -28.64 -14.82
CA LEU B 275 -22.49 -28.26 -15.92
C LEU B 275 -23.00 -29.46 -16.72
N SER B 276 -22.34 -30.61 -16.60
CA SER B 276 -22.87 -31.85 -17.16
C SER B 276 -23.84 -32.49 -16.19
N ARG B 277 -23.59 -32.32 -14.89
CA ARG B 277 -24.60 -32.69 -13.90
C ARG B 277 -25.91 -31.97 -14.20
N ILE B 278 -25.83 -30.68 -14.52
CA ILE B 278 -27.03 -29.88 -14.72
C ILE B 278 -27.68 -30.24 -16.06
N HIS B 279 -27.02 -29.92 -17.18
CA HIS B 279 -27.64 -30.17 -18.47
C HIS B 279 -26.70 -30.67 -19.56
N LYS B 280 -25.42 -30.91 -19.28
CA LYS B 280 -24.54 -31.56 -20.25
C LYS B 280 -24.33 -30.70 -21.49
N CYS B 281 -23.90 -29.45 -21.28
CA CYS B 281 -23.55 -28.54 -22.36
C CYS B 281 -22.56 -27.52 -21.82
N ARG B 282 -21.96 -26.74 -22.72
CA ARG B 282 -20.97 -25.75 -22.32
C ARG B 282 -21.41 -24.34 -22.70
N LEU B 283 -21.17 -23.40 -21.78
CA LEU B 283 -21.49 -22.01 -21.97
C LEU B 283 -20.47 -21.34 -22.90
N PRO B 284 -20.79 -20.15 -23.41
CA PRO B 284 -19.90 -19.51 -24.39
C PRO B 284 -18.50 -19.20 -23.87
N PHE B 285 -18.28 -19.21 -22.55
CA PHE B 285 -17.01 -18.80 -21.99
C PHE B 285 -16.13 -19.98 -21.57
N MET B 286 -16.48 -21.20 -21.95
CA MET B 286 -15.67 -22.38 -21.64
C MET B 286 -15.28 -23.07 -22.94
N ASP B 287 -14.01 -23.46 -23.08
CA ASP B 287 -13.55 -24.10 -24.29
C ASP B 287 -13.21 -25.57 -24.16
N TYR B 288 -13.26 -26.13 -22.95
CA TYR B 288 -12.79 -27.53 -22.74
C TYR B 288 -13.38 -28.77 -23.29
N PRO B 289 -14.70 -28.99 -23.17
CA PRO B 289 -15.15 -30.23 -23.78
C PRO B 289 -15.34 -29.75 -25.18
N PRO B 290 -14.49 -30.19 -26.13
CA PRO B 290 -14.57 -29.51 -27.43
C PRO B 290 -15.69 -30.03 -28.26
N ASP B 291 -15.93 -31.33 -28.23
CA ASP B 291 -17.07 -31.87 -28.93
C ASP B 291 -18.38 -31.43 -28.32
N ILE B 292 -18.44 -31.39 -26.99
CA ILE B 292 -19.71 -31.11 -26.33
C ILE B 292 -20.34 -29.80 -26.80
N PRO B 293 -21.53 -29.84 -27.40
CA PRO B 293 -22.12 -28.62 -27.96
C PRO B 293 -22.35 -27.41 -27.07
N TYR B 294 -22.31 -26.18 -27.59
CA TYR B 294 -22.65 -25.02 -26.79
C TYR B 294 -24.11 -25.08 -26.37
N CYS B 295 -24.40 -24.50 -25.20
CA CYS B 295 -25.76 -24.46 -24.69
C CYS B 295 -26.61 -23.52 -25.53
N ASN B 296 -27.92 -23.77 -25.52
CA ASN B 296 -28.90 -22.95 -26.23
C ASN B 296 -29.69 -22.12 -25.23
N TYR B 297 -30.63 -21.33 -25.76
CA TYR B 297 -31.39 -20.42 -24.91
C TYR B 297 -32.23 -21.17 -23.89
N THR B 298 -32.70 -22.38 -24.23
CA THR B 298 -33.52 -23.14 -23.28
C THR B 298 -32.72 -23.53 -22.05
N ASN B 299 -31.47 -23.96 -22.24
CA ASN B 299 -30.66 -24.46 -21.15
C ASN B 299 -29.74 -23.42 -20.53
N PHE B 300 -29.51 -22.30 -21.21
CA PHE B 300 -28.57 -21.32 -20.70
C PHE B 300 -28.97 -20.76 -19.34
N PRO B 301 -30.24 -20.42 -19.09
CA PRO B 301 -30.59 -19.86 -17.77
C PRO B 301 -30.19 -20.76 -16.60
N GLN B 302 -30.55 -22.04 -16.66
CA GLN B 302 -30.22 -22.96 -15.58
C GLN B 302 -28.72 -23.08 -15.40
N MET B 303 -28.00 -23.20 -16.52
CA MET B 303 -26.55 -23.37 -16.45
C MET B 303 -25.89 -22.14 -15.83
N TYR B 304 -26.30 -20.95 -16.26
CA TYR B 304 -25.73 -19.72 -15.74
C TYR B 304 -26.03 -19.55 -14.26
N THR B 305 -27.28 -19.84 -13.87
CA THR B 305 -27.64 -19.75 -12.45
C THR B 305 -26.82 -20.72 -11.62
N ARG B 306 -26.56 -21.90 -12.12
CA ARG B 306 -25.73 -22.82 -11.40
C ARG B 306 -24.34 -22.30 -11.37
N PHE B 307 -23.77 -21.99 -12.52
CA PHE B 307 -22.39 -21.55 -12.60
C PHE B 307 -22.06 -20.34 -11.73
N ASN B 308 -22.99 -19.44 -11.51
CA ASN B 308 -22.74 -18.33 -10.59
C ASN B 308 -22.43 -18.85 -9.19
N LYS B 309 -23.29 -19.73 -8.68
CA LYS B 309 -23.07 -20.33 -7.36
C LYS B 309 -21.80 -21.16 -7.34
N ILE B 310 -21.55 -21.90 -8.43
CA ILE B 310 -20.34 -22.72 -8.51
C ILE B 310 -19.10 -21.85 -8.37
N LEU B 311 -19.07 -20.73 -9.08
CA LEU B 311 -17.92 -19.82 -9.06
C LEU B 311 -17.82 -19.05 -7.75
N LYS B 312 -18.94 -18.88 -7.02
CA LYS B 312 -18.86 -18.16 -5.75
C LYS B 312 -17.93 -18.87 -4.77
N GLY B 313 -17.99 -20.19 -4.69
CA GLY B 313 -17.18 -20.95 -3.77
C GLY B 313 -15.98 -21.66 -4.37
N PHE B 314 -15.69 -21.46 -5.65
CA PHE B 314 -14.53 -22.12 -6.25
C PHE B 314 -13.26 -21.70 -5.54
N ASN B 315 -12.48 -22.69 -5.10
CA ASN B 315 -11.24 -22.45 -4.38
C ASN B 315 -10.08 -23.09 -5.13
N LYS B 316 -8.99 -22.34 -5.28
CA LYS B 316 -7.85 -22.83 -6.04
C LYS B 316 -7.05 -23.88 -5.29
N THR B 317 -7.22 -23.97 -3.97
CA THR B 317 -6.49 -24.98 -3.21
C THR B 317 -6.86 -26.39 -3.67
N ASN B 318 -8.14 -26.62 -3.94
CA ASN B 318 -8.56 -27.93 -4.46
C ASN B 318 -7.87 -28.24 -5.77
N CYS B 319 -7.71 -27.23 -6.63
CA CYS B 319 -6.95 -27.39 -7.88
C CYS B 319 -5.47 -27.44 -7.53
N LEU B 320 -5.00 -28.66 -7.25
CA LEU B 320 -3.61 -28.86 -6.89
C LEU B 320 -2.71 -28.70 -8.11
N CYS B 321 -2.20 -27.50 -8.32
CA CYS B 321 -1.26 -27.22 -9.39
C CYS B 321 0.05 -26.73 -8.81
N PRO B 322 1.17 -26.95 -9.50
CA PRO B 322 2.47 -26.52 -8.97
C PRO B 322 2.57 -25.01 -8.91
N ARG B 323 3.40 -24.54 -7.98
CA ARG B 323 3.63 -23.11 -7.82
C ARG B 323 4.42 -22.57 -9.01
N LYS B 324 4.67 -21.26 -8.97
CA LYS B 324 5.43 -20.58 -10.02
C LYS B 324 6.80 -20.19 -9.48
N CYS B 325 7.85 -20.54 -10.22
CA CYS B 325 9.19 -20.18 -9.79
C CYS B 325 9.38 -18.67 -9.76
N ARG B 326 8.85 -17.97 -10.77
CA ARG B 326 8.93 -16.50 -10.84
C ARG B 326 7.52 -16.00 -11.15
N GLU B 327 6.78 -15.63 -10.10
CA GLU B 327 5.41 -15.15 -10.24
C GLU B 327 5.34 -13.65 -9.99
N THR B 328 4.59 -12.96 -10.84
CA THR B 328 4.37 -11.54 -10.73
C THR B 328 2.88 -11.28 -10.59
N ARG B 329 2.50 -10.60 -9.50
CA ARG B 329 1.11 -10.24 -9.25
C ARG B 329 0.97 -8.72 -9.30
N TYR B 330 -0.23 -8.26 -9.63
CA TYR B 330 -0.54 -6.85 -9.70
C TYR B 330 -1.81 -6.59 -8.91
N GLU B 331 -1.68 -5.91 -7.79
CA GLU B 331 -2.80 -5.51 -6.95
C GLU B 331 -3.14 -4.05 -7.25
N ILE B 332 -4.38 -3.68 -6.93
CA ILE B 332 -4.88 -2.33 -7.17
C ILE B 332 -4.51 -1.47 -5.97
N GLN B 333 -3.54 -0.58 -6.15
CA GLN B 333 -3.14 0.35 -5.11
C GLN B 333 -4.23 1.35 -4.75
N TYR B 334 -4.88 1.93 -5.75
CA TYR B 334 -6.03 2.79 -5.49
C TYR B 334 -6.68 3.17 -6.82
N GLN B 335 -7.87 3.76 -6.71
CA GLN B 335 -8.66 4.16 -7.87
C GLN B 335 -9.12 5.59 -7.66
N PHE B 336 -8.93 6.42 -8.69
CA PHE B 336 -9.26 7.83 -8.64
C PHE B 336 -10.18 8.19 -9.81
N ASN B 337 -11.04 9.18 -9.59
CA ASN B 337 -11.96 9.65 -10.62
C ASN B 337 -11.59 11.06 -11.03
N ILE B 338 -11.39 11.26 -12.32
CA ILE B 338 -10.94 12.55 -12.87
C ILE B 338 -12.09 13.15 -13.67
N GLY B 339 -12.49 14.37 -13.30
CA GLY B 339 -13.49 15.07 -14.05
C GLY B 339 -14.89 14.51 -13.86
N GLY B 340 -15.80 15.03 -14.68
CA GLY B 340 -17.18 14.59 -14.66
C GLY B 340 -17.58 13.82 -15.88
N PHE B 341 -18.76 14.10 -16.42
CA PHE B 341 -19.23 13.40 -17.60
C PHE B 341 -18.32 13.66 -18.79
N ASN B 342 -18.16 12.64 -19.64
CA ASN B 342 -17.39 12.75 -20.86
C ASN B 342 -18.08 11.97 -21.96
N ASN B 343 -17.77 12.31 -23.20
CA ASN B 343 -18.29 11.58 -24.35
C ASN B 343 -17.51 10.31 -24.64
N GLN B 344 -16.41 10.07 -23.91
CA GLN B 344 -15.61 8.87 -24.09
C GLN B 344 -15.20 8.36 -22.71
N THR B 345 -15.06 7.05 -22.61
CA THR B 345 -14.59 6.42 -21.37
C THR B 345 -13.08 6.29 -21.43
N PHE B 346 -12.39 7.04 -20.58
CA PHE B 346 -10.93 6.99 -20.48
C PHE B 346 -10.57 6.18 -19.24
N ILE B 347 -9.80 5.11 -19.44
CA ILE B 347 -9.35 4.25 -18.36
C ILE B 347 -7.84 4.41 -18.30
N LYS B 348 -7.34 4.99 -17.21
CA LYS B 348 -5.90 5.17 -17.05
C LYS B 348 -5.34 4.18 -16.06
N ILE B 349 -4.33 3.44 -16.51
CA ILE B 349 -3.66 2.42 -15.69
C ILE B 349 -2.24 2.90 -15.43
N THR B 350 -1.85 2.87 -14.16
CA THR B 350 -0.56 3.43 -13.75
C THR B 350 -0.09 2.71 -12.49
N SER B 351 1.12 3.08 -12.06
CA SER B 351 1.64 2.70 -10.76
C SER B 351 2.37 3.90 -10.18
N ARG B 352 2.12 4.26 -8.93
CA ARG B 352 2.85 5.34 -8.30
C ARG B 352 3.73 4.72 -7.26
N ASN B 353 3.81 3.40 -7.25
CA ASN B 353 4.58 2.69 -6.25
C ASN B 353 5.77 1.85 -6.68
N SER B 354 6.46 1.22 -5.74
CA SER B 354 7.59 0.38 -6.06
C SER B 354 7.22 -1.07 -6.00
N ILE B 355 8.10 -1.96 -6.44
CA ILE B 355 7.80 -3.38 -6.54
C ILE B 355 8.13 -4.05 -5.20
N THR B 356 7.29 -4.98 -4.80
CA THR B 356 7.49 -5.74 -3.56
C THR B 356 8.04 -7.11 -3.90
N LEU B 357 9.29 -7.36 -3.53
CA LEU B 357 10.01 -8.57 -3.91
C LEU B 357 10.10 -9.50 -2.72
N GLU B 358 9.69 -10.76 -2.92
CA GLU B 358 9.76 -11.80 -1.90
C GLU B 358 10.57 -12.95 -2.48
N THR B 359 11.84 -13.05 -2.09
CA THR B 359 12.74 -14.06 -2.64
C THR B 359 12.94 -15.18 -1.61
N GLU B 360 12.71 -16.42 -2.03
CA GLU B 360 12.97 -17.55 -1.14
C GLU B 360 14.43 -17.98 -1.27
N TYR B 361 15.09 -18.12 -0.12
CA TYR B 361 16.49 -18.54 -0.07
C TYR B 361 16.73 -19.37 1.18
N TRP B 362 17.79 -20.18 1.12
CA TRP B 362 18.18 -21.05 2.22
C TRP B 362 19.18 -20.32 3.10
N SER B 363 18.85 -20.12 4.37
CA SER B 363 19.77 -19.47 5.29
C SER B 363 20.88 -20.41 5.73
N TYR B 364 20.70 -21.73 5.60
CA TYR B 364 21.71 -22.72 6.02
C TYR B 364 22.41 -23.31 4.80
N ASN B 365 23.73 -23.20 4.73
CA ASN B 365 24.52 -23.79 3.64
C ASN B 365 25.16 -25.09 4.11
N PHE B 366 25.58 -25.96 3.19
CA PHE B 366 26.19 -27.25 3.55
C PHE B 366 27.47 -27.03 4.29
N TYR B 367 28.20 -26.00 3.92
CA TYR B 367 29.48 -25.70 4.56
C TYR B 367 29.32 -25.18 5.96
N SER B 368 28.10 -24.88 6.40
CA SER B 368 27.85 -24.47 7.78
C SER B 368 27.33 -25.69 8.53
N LEU B 369 26.61 -26.58 7.86
CA LEU B 369 26.19 -27.85 8.46
C LEU B 369 27.39 -28.67 8.90
N LEU B 370 28.39 -28.78 8.02
CA LEU B 370 29.59 -29.54 8.36
C LEU B 370 30.32 -28.89 9.53
N SER B 371 30.40 -27.56 9.54
CA SER B 371 31.08 -26.87 10.62
C SER B 371 30.36 -27.09 11.95
N ASP B 372 29.02 -27.06 11.94
CA ASP B 372 28.27 -27.27 13.16
C ASP B 372 28.38 -28.71 13.65
N ILE B 373 28.36 -29.69 12.73
CA ILE B 373 28.57 -31.07 13.15
C ILE B 373 29.96 -31.25 13.76
N GLY B 374 30.97 -30.65 13.12
CA GLY B 374 32.31 -30.70 13.68
C GLY B 374 32.39 -30.05 15.05
N GLY B 375 31.69 -28.94 15.23
CA GLY B 375 31.66 -28.30 16.54
C GLY B 375 31.01 -29.16 17.60
N SER B 376 29.91 -29.83 17.23
CA SER B 376 29.26 -30.74 18.16
C SER B 376 30.21 -31.88 18.54
N LEU B 377 30.90 -32.44 17.54
CA LEU B 377 31.84 -33.52 17.82
C LEU B 377 32.99 -33.04 18.70
N GLY B 378 33.51 -31.84 18.43
CA GLY B 378 34.61 -31.30 19.21
C GLY B 378 34.23 -30.81 20.59
N LEU B 379 32.94 -30.60 20.84
CA LEU B 379 32.47 -30.26 22.18
C LEU B 379 32.18 -31.51 22.99
N PHE B 380 31.37 -32.43 22.45
CA PHE B 380 30.95 -33.58 23.23
C PHE B 380 32.03 -34.64 23.41
N LEU B 381 32.80 -34.93 22.36
CA LEU B 381 33.79 -36.00 22.42
C LEU B 381 35.17 -35.60 21.93
N GLY B 382 35.35 -34.42 21.34
CA GLY B 382 36.63 -34.09 20.73
C GLY B 382 36.99 -35.01 19.58
N ALA B 383 35.99 -35.48 18.84
CA ALA B 383 36.21 -36.43 17.76
C ALA B 383 36.51 -35.69 16.46
N SER B 384 36.65 -36.43 15.38
CA SER B 384 36.95 -35.86 14.07
C SER B 384 36.86 -36.97 13.03
N ILE B 385 37.01 -36.60 11.77
CA ILE B 385 36.96 -37.60 10.71
C ILE B 385 38.13 -38.48 11.00
N LEU B 386 39.33 -37.92 11.04
CA LEU B 386 40.52 -38.70 11.29
C LEU B 386 40.26 -39.57 12.48
N SER B 387 39.84 -39.00 13.61
CA SER B 387 39.68 -39.81 14.83
C SER B 387 38.80 -40.99 14.59
N MET B 388 37.57 -40.75 14.20
CA MET B 388 36.63 -41.83 14.03
C MET B 388 37.26 -42.88 13.15
N CYS B 389 37.74 -42.47 11.99
CA CYS B 389 38.33 -43.40 11.05
C CYS B 389 39.38 -44.27 11.71
N ILE C 46 43.60 -40.80 3.52
CA ILE C 46 42.52 -40.24 4.30
C ILE C 46 42.94 -38.96 4.94
N ILE C 47 44.22 -38.84 5.24
CA ILE C 47 44.69 -37.64 5.86
C ILE C 47 44.73 -36.58 4.79
N ILE C 48 45.08 -36.99 3.58
CA ILE C 48 45.21 -36.02 2.47
C ILE C 48 43.84 -35.56 1.96
N ILE C 49 42.88 -36.45 1.89
CA ILE C 49 41.54 -36.08 1.43
C ILE C 49 40.84 -35.26 2.50
N SER C 50 41.00 -35.63 3.78
CA SER C 50 40.44 -34.81 4.83
C SER C 50 41.02 -33.45 5.02
N CYS C 51 42.24 -33.28 4.53
CA CYS C 51 42.89 -31.99 4.65
C CYS C 51 42.48 -31.12 3.49
N ILE C 52 42.22 -31.73 2.33
CA ILE C 52 41.74 -30.93 1.21
C ILE C 52 40.31 -30.53 1.57
N GLY C 53 39.60 -31.38 2.32
CA GLY C 53 38.27 -31.02 2.76
C GLY C 53 38.25 -29.94 3.82
N MET C 54 39.03 -30.10 4.89
CA MET C 54 39.14 -29.09 5.92
C MET C 54 39.40 -27.75 5.29
N PHE C 55 40.35 -27.67 4.38
CA PHE C 55 40.72 -26.38 3.80
C PHE C 55 39.58 -25.80 2.98
N TRP C 56 38.83 -26.66 2.30
CA TRP C 56 37.72 -26.19 1.49
C TRP C 56 36.52 -25.74 2.32
N ASN C 57 36.23 -26.42 3.41
CA ASN C 57 35.12 -26.01 4.27
C ASN C 57 35.55 -24.75 4.97
N VAL C 58 36.86 -24.53 5.16
CA VAL C 58 37.23 -23.25 5.78
C VAL C 58 37.15 -22.11 4.76
N VAL C 59 37.36 -22.38 3.48
CA VAL C 59 37.20 -21.36 2.45
C VAL C 59 35.75 -20.95 2.37
N GLU C 60 34.84 -21.90 2.23
CA GLU C 60 33.42 -21.62 2.11
C GLU C 60 32.95 -20.74 3.26
N ASN C 61 33.39 -21.04 4.48
CA ASN C 61 33.01 -20.21 5.62
C ASN C 61 33.51 -18.78 5.45
N ILE C 62 34.79 -18.63 5.14
CA ILE C 62 35.38 -17.31 5.06
C ILE C 62 34.74 -16.60 3.90
N LYS C 63 34.27 -17.34 2.92
CA LYS C 63 33.56 -16.73 1.84
C LYS C 63 32.27 -16.18 2.41
N LEU C 64 31.39 -17.04 2.87
CA LEU C 64 30.10 -16.58 3.35
C LEU C 64 30.17 -15.48 4.36
N TYR C 65 31.25 -15.36 5.11
CA TYR C 65 31.39 -14.25 6.05
C TYR C 65 31.71 -12.96 5.32
N PHE C 66 32.84 -12.91 4.62
CA PHE C 66 33.27 -11.66 4.01
C PHE C 66 32.56 -11.42 2.69
N TYR C 67 32.66 -12.36 1.75
CA TYR C 67 32.12 -12.17 0.40
C TYR C 67 30.67 -12.65 0.31
N SER C 68 29.80 -11.92 1.00
CA SER C 68 28.37 -12.17 0.95
C SER C 68 27.62 -10.85 1.04
N SER C 69 26.42 -10.82 0.45
CA SER C 69 25.63 -9.60 0.45
C SER C 69 24.99 -9.38 1.82
N PRO C 70 24.89 -8.13 2.27
CA PRO C 70 24.22 -7.88 3.56
C PRO C 70 22.75 -8.25 3.48
N SER C 71 22.25 -8.84 4.57
CA SER C 71 20.86 -9.23 4.60
C SER C 71 19.99 -8.05 5.03
N VAL C 72 18.69 -8.18 4.80
CA VAL C 72 17.75 -7.07 4.95
C VAL C 72 16.64 -7.48 5.91
N LYS C 73 16.35 -6.61 6.88
CA LYS C 73 15.25 -6.79 7.82
C LYS C 73 14.13 -5.84 7.42
N PHE C 74 12.94 -6.40 7.25
CA PHE C 74 11.76 -5.65 6.81
C PHE C 74 10.78 -5.51 7.97
N GLU C 75 10.34 -4.27 8.21
CA GLU C 75 9.43 -3.98 9.31
C GLU C 75 8.35 -3.02 8.84
N TYR C 76 7.19 -3.11 9.49
CA TYR C 76 6.12 -2.14 9.33
C TYR C 76 5.94 -1.43 10.67
N ILE C 77 6.72 -0.36 10.85
CA ILE C 77 6.82 0.27 12.16
C ILE C 77 5.83 1.41 12.27
N LYS C 78 5.44 1.71 13.51
CA LYS C 78 4.54 2.82 13.84
C LYS C 78 5.36 3.81 14.66
N ASN C 79 6.04 4.72 13.98
CA ASN C 79 6.93 5.67 14.63
C ASN C 79 6.09 6.76 15.30
N ASP C 80 6.34 6.99 16.59
CA ASP C 80 5.59 8.00 17.33
C ASP C 80 5.83 9.40 16.78
N SER C 81 6.96 9.64 16.14
CA SER C 81 7.26 10.91 15.51
C SER C 81 7.75 10.65 14.09
N LEU C 82 7.20 11.38 13.12
CA LEU C 82 7.49 11.17 11.71
C LEU C 82 7.89 12.50 11.07
N TYR C 83 8.91 12.45 10.22
CA TYR C 83 9.33 13.62 9.46
C TYR C 83 8.40 13.76 8.25
N PHE C 84 7.58 14.81 8.24
CA PHE C 84 6.68 15.02 7.12
C PHE C 84 7.47 15.37 5.87
N PRO C 85 6.98 14.98 4.70
CA PRO C 85 7.68 15.29 3.46
C PRO C 85 7.55 16.75 3.07
N ALA C 86 8.49 17.20 2.26
CA ALA C 86 8.32 18.45 1.52
C ALA C 86 7.31 18.23 0.40
N ILE C 87 6.50 19.26 0.18
CA ILE C 87 5.46 19.24 -0.85
C ILE C 87 5.79 20.36 -1.83
N THR C 88 6.08 20.00 -3.07
CA THR C 88 6.36 20.98 -4.11
C THR C 88 5.13 21.12 -5.00
N ILE C 89 4.56 22.32 -5.02
CA ILE C 89 3.46 22.66 -5.90
C ILE C 89 4.06 23.35 -7.11
N CYS C 90 3.86 22.74 -8.27
CA CYS C 90 4.42 23.21 -9.53
C CYS C 90 3.30 23.52 -10.51
N PRO C 91 3.49 24.48 -11.42
CA PRO C 91 2.51 24.70 -12.48
C PRO C 91 2.54 23.55 -13.48
N PHE C 92 1.41 23.34 -14.13
CA PHE C 92 1.30 22.29 -15.13
C PHE C 92 2.03 22.73 -16.41
N LEU C 93 1.99 21.87 -17.42
CA LEU C 93 2.68 22.11 -18.69
C LEU C 93 2.54 23.56 -19.15
N LEU C 94 3.63 24.14 -19.65
CA LEU C 94 3.58 25.50 -20.16
C LEU C 94 2.60 25.68 -21.30
N ASN C 95 1.97 24.63 -21.81
CA ASN C 95 0.89 24.85 -22.80
C ASN C 95 -0.43 25.09 -22.14
N TRP C 96 -0.52 24.88 -20.84
CA TRP C 96 -1.78 24.98 -20.14
C TRP C 96 -1.77 26.09 -19.11
N ASN C 97 -0.74 26.91 -19.06
CA ASN C 97 -0.65 27.92 -18.04
C ASN C 97 -1.67 28.95 -18.39
N PRO C 98 -2.44 29.40 -17.41
CA PRO C 98 -3.51 30.33 -17.71
C PRO C 98 -2.98 31.68 -18.15
N PHE C 99 -1.67 31.88 -18.12
CA PHE C 99 -1.04 33.12 -18.57
C PHE C 99 -0.99 33.09 -20.08
N PHE C 100 -1.02 31.90 -20.65
CA PHE C 100 -1.05 31.75 -22.08
C PHE C 100 -2.47 31.34 -22.45
N THR C 101 -2.97 30.24 -21.91
CA THR C 101 -4.26 29.75 -22.33
C THR C 101 -5.34 30.79 -22.31
N GLU C 102 -5.44 31.55 -21.24
CA GLU C 102 -6.53 32.49 -21.12
C GLU C 102 -6.58 33.59 -22.14
N SER C 103 -5.44 34.18 -22.45
CA SER C 103 -5.45 35.30 -23.35
C SER C 103 -5.95 34.89 -24.72
N ILE C 104 -5.26 33.97 -25.37
CA ILE C 104 -5.62 33.53 -26.70
C ILE C 104 -6.95 32.81 -26.80
N SER C 105 -7.38 32.51 -28.01
CA SER C 105 -8.68 31.90 -28.21
C SER C 105 -8.72 30.38 -28.11
N PHE C 106 -7.87 29.70 -28.86
CA PHE C 106 -7.87 28.24 -28.87
C PHE C 106 -7.17 27.67 -27.64
N PHE C 107 -7.11 26.35 -27.54
CA PHE C 107 -6.38 25.76 -26.44
C PHE C 107 -4.98 25.61 -26.95
N PRO C 108 -4.04 26.42 -26.41
CA PRO C 108 -2.72 26.37 -27.01
C PRO C 108 -2.16 24.99 -27.04
N GLU C 109 -1.36 24.71 -28.06
CA GLU C 109 -0.38 23.65 -28.01
C GLU C 109 1.03 24.18 -27.79
N MET C 110 2.03 23.33 -27.61
CA MET C 110 3.37 23.74 -27.24
C MET C 110 4.01 24.59 -28.34
N ASN C 111 3.80 24.22 -29.60
CA ASN C 111 4.33 25.04 -30.70
C ASN C 111 3.67 26.40 -30.75
N ASP C 112 2.37 26.47 -30.46
CA ASP C 112 1.71 27.78 -30.38
C ASP C 112 2.30 28.62 -29.25
N ILE C 113 2.64 27.98 -28.12
CA ILE C 113 3.27 28.69 -27.03
C ILE C 113 4.64 29.21 -27.44
N PHE C 114 5.40 28.39 -28.19
CA PHE C 114 6.70 28.84 -28.67
C PHE C 114 6.55 30.02 -29.61
N GLU C 115 5.56 29.99 -30.49
CA GLU C 115 5.32 31.12 -31.38
C GLU C 115 4.95 32.37 -30.59
N ILE C 116 4.10 32.21 -29.56
CA ILE C 116 3.73 33.35 -28.72
C ILE C 116 4.95 33.93 -28.04
N ILE C 117 5.82 33.06 -27.48
CA ILE C 117 7.07 33.50 -26.83
C ILE C 117 7.98 34.18 -27.85
N GLU C 118 7.89 33.80 -29.12
CA GLU C 118 8.65 34.48 -30.16
C GLU C 118 8.02 35.80 -30.52
N THR C 119 6.70 35.89 -30.51
CA THR C 119 6.01 37.12 -30.90
C THR C 119 6.20 38.16 -29.83
N ASN C 120 5.60 37.96 -28.68
CA ASN C 120 5.81 38.87 -27.57
C ASN C 120 7.17 38.42 -27.15
N GLU C 121 8.15 39.31 -27.14
CA GLU C 121 9.51 38.89 -26.83
C GLU C 121 9.78 38.84 -25.34
N TYR C 122 9.41 37.75 -24.69
CA TYR C 122 9.70 37.60 -23.27
C TYR C 122 11.05 37.26 -22.71
N ASP C 123 11.43 37.91 -21.63
CA ASP C 123 12.65 37.55 -20.96
C ASP C 123 12.22 36.23 -20.39
N MET C 124 13.01 35.18 -20.52
CA MET C 124 12.57 33.86 -20.08
C MET C 124 12.47 33.85 -18.58
N LEU C 125 13.12 34.79 -17.90
CA LEU C 125 12.93 34.91 -16.47
C LEU C 125 11.69 35.62 -16.06
N TYR C 126 11.19 36.50 -16.92
CA TYR C 126 9.91 37.15 -16.68
C TYR C 126 8.89 36.09 -16.94
N LEU C 127 9.08 35.29 -17.96
CA LEU C 127 8.09 34.29 -18.29
C LEU C 127 8.02 33.27 -17.18
N TRP C 128 9.14 32.87 -16.59
CA TRP C 128 9.08 31.95 -15.46
C TRP C 128 8.38 32.57 -14.24
N ASN C 129 8.60 33.84 -13.98
CA ASN C 129 7.91 34.54 -12.90
C ASN C 129 6.41 34.59 -13.09
N LYS C 130 5.95 34.87 -14.31
CA LYS C 130 4.52 35.02 -14.55
C LYS C 130 3.70 33.73 -14.46
N THR C 131 4.32 32.57 -14.52
CA THR C 131 3.61 31.29 -14.52
C THR C 131 2.97 31.00 -13.16
N ASP C 132 3.70 31.26 -12.07
CA ASP C 132 3.23 30.89 -10.75
C ASP C 132 2.05 31.73 -10.29
N GLU C 133 1.71 32.79 -11.02
CA GLU C 133 0.73 33.76 -10.52
C GLU C 133 -0.66 33.15 -10.39
N TYR C 134 -0.89 31.97 -10.95
CA TYR C 134 -2.26 31.47 -11.04
C TYR C 134 -2.67 30.57 -9.88
N PHE C 135 -1.80 30.36 -8.88
CA PHE C 135 -2.31 29.72 -7.66
C PHE C 135 -2.29 30.66 -6.46
N GLN C 136 -1.32 31.59 -6.40
CA GLN C 136 -1.35 32.67 -5.43
C GLN C 136 -1.57 32.14 -4.01
N TYR C 137 -0.57 31.43 -3.48
CA TYR C 137 -0.65 30.86 -2.14
C TYR C 137 -1.29 31.85 -1.17
N ASP C 138 -2.28 31.36 -0.42
CA ASP C 138 -2.97 32.16 0.58
C ASP C 138 -2.73 31.69 2.01
N ASP C 139 -2.63 30.38 2.23
CA ASP C 139 -2.39 29.87 3.57
C ASP C 139 -2.00 28.39 3.53
N SER C 140 -1.08 27.99 4.41
CA SER C 140 -0.68 26.61 4.56
C SER C 140 -0.34 26.36 6.02
N TYR C 141 -0.89 25.29 6.59
CA TYR C 141 -0.65 25.00 8.00
C TYR C 141 -0.78 23.52 8.25
N VAL C 142 -0.02 23.05 9.23
CA VAL C 142 -0.16 21.70 9.77
C VAL C 142 -1.21 21.75 10.88
N TYR C 143 -2.25 20.95 10.74
CA TYR C 143 -3.33 20.89 11.71
C TYR C 143 -3.72 19.44 11.95
N GLN C 144 -4.25 19.19 13.15
CA GLN C 144 -4.71 17.87 13.53
C GLN C 144 -6.22 17.78 13.41
N ASP C 145 -6.71 16.56 13.16
CA ASP C 145 -8.15 16.29 13.10
C ASP C 145 -8.60 15.95 14.51
N ALA C 146 -9.05 16.96 15.24
CA ALA C 146 -9.48 16.83 16.62
C ALA C 146 -11.00 16.95 16.72
N LEU C 147 -11.53 16.74 17.92
CA LEU C 147 -12.96 16.86 18.17
C LEU C 147 -13.42 18.29 18.34
N ILE C 148 -12.49 19.24 18.46
CA ILE C 148 -12.79 20.66 18.42
C ILE C 148 -11.86 21.26 17.37
N GLU C 149 -12.41 21.61 16.21
CA GLU C 149 -11.59 21.98 15.06
C GLU C 149 -10.66 23.13 15.43
N GLU C 150 -9.39 22.98 15.04
CA GLU C 150 -8.38 23.99 15.32
C GLU C 150 -8.66 25.25 14.49
N ASP C 151 -8.43 26.41 15.11
CA ASP C 151 -8.73 27.68 14.44
C ASP C 151 -7.59 28.67 14.73
N GLU C 152 -6.60 28.68 13.84
CA GLU C 152 -5.54 29.68 13.71
C GLU C 152 -4.67 29.82 14.95
N PHE C 153 -4.90 29.04 16.00
CA PHE C 153 -4.09 29.11 17.20
C PHE C 153 -3.26 27.86 17.46
N ASP C 154 -3.76 26.69 17.08
CA ASP C 154 -3.03 25.43 17.27
C ASP C 154 -2.26 25.06 16.00
N ARG C 155 -2.91 25.20 14.85
CA ARG C 155 -2.28 24.88 13.58
C ARG C 155 -1.00 25.67 13.38
N SER C 156 0.06 24.99 12.96
CA SER C 156 1.34 25.64 12.73
C SER C 156 1.45 26.12 11.29
N SER C 157 1.81 27.39 11.12
CA SER C 157 1.77 28.06 9.83
C SER C 157 3.09 27.83 9.10
N ILE C 158 3.00 27.34 7.86
CA ILE C 158 4.16 27.11 6.99
C ILE C 158 4.30 28.30 6.06
N ILE C 159 5.55 28.60 5.68
CA ILE C 159 5.85 29.63 4.70
C ILE C 159 6.57 28.96 3.53
N PRO C 160 5.93 28.79 2.38
CA PRO C 160 6.60 28.12 1.27
C PRO C 160 7.79 28.90 0.75
N ASN C 161 8.65 28.16 0.02
CA ASN C 161 9.79 28.76 -0.67
C ASN C 161 9.41 29.68 -1.80
N THR C 162 8.46 29.26 -2.61
CA THR C 162 7.94 30.10 -3.67
C THR C 162 8.85 30.57 -4.77
N GLU C 163 10.12 30.22 -4.73
CA GLU C 163 11.09 30.70 -5.69
C GLU C 163 11.87 29.56 -6.31
N ILE C 164 11.29 28.37 -6.33
CA ILE C 164 11.96 27.26 -7.00
C ILE C 164 11.77 27.41 -8.50
N MET C 165 12.79 27.09 -9.27
CA MET C 165 12.70 27.09 -10.73
C MET C 165 12.73 25.65 -11.21
N SER C 166 11.71 25.26 -11.96
CA SER C 166 11.54 23.89 -12.40
C SER C 166 11.13 23.88 -13.86
N VAL C 167 11.09 22.69 -14.44
CA VAL C 167 10.92 22.54 -15.88
C VAL C 167 9.66 23.23 -16.37
N SER C 168 8.65 23.37 -15.50
CA SER C 168 7.37 23.92 -15.90
C SER C 168 7.19 25.39 -15.50
N GLY C 169 8.06 25.93 -14.68
CA GLY C 169 7.94 27.31 -14.24
C GLY C 169 8.40 27.46 -12.80
N LYS C 170 7.78 28.39 -12.08
CA LYS C 170 8.17 28.66 -10.71
C LYS C 170 7.30 27.84 -9.76
N CYS C 171 7.97 27.10 -8.88
CA CYS C 171 7.33 26.16 -7.96
C CYS C 171 7.54 26.61 -6.52
N HIS C 172 6.62 26.18 -5.66
CA HIS C 172 6.61 26.51 -4.24
C HIS C 172 6.85 25.25 -3.44
N MET C 173 7.84 25.27 -2.55
CA MET C 173 8.12 24.14 -1.68
C MET C 173 7.65 24.46 -0.26
N TYR C 174 6.84 23.56 0.30
CA TYR C 174 6.43 23.62 1.70
C TYR C 174 7.15 22.52 2.47
N SER C 175 7.64 22.85 3.65
CA SER C 175 8.38 21.87 4.44
C SER C 175 8.25 22.20 5.92
N LEU C 176 8.53 21.19 6.74
CA LEU C 176 8.56 21.33 8.20
C LEU C 176 9.98 21.13 8.70
N GLU C 177 10.30 21.82 9.80
CA GLU C 177 11.63 21.76 10.37
C GLU C 177 11.84 20.70 11.44
N GLU C 178 10.78 20.25 12.11
CA GLU C 178 10.89 19.27 13.18
C GLU C 178 9.72 18.31 13.09
N PRO C 179 9.92 17.03 13.42
CA PRO C 179 8.81 16.06 13.29
C PRO C 179 7.55 16.28 14.12
N VAL C 180 6.43 15.86 13.55
CA VAL C 180 5.14 15.92 14.24
C VAL C 180 4.92 14.60 14.98
N TYR C 181 3.98 14.62 15.92
CA TYR C 181 3.69 13.46 16.77
C TYR C 181 2.65 12.59 16.07
N ILE C 182 2.93 11.30 15.96
CA ILE C 182 2.08 10.37 15.21
C ILE C 182 1.42 9.38 16.16
N GLY C 183 1.55 9.61 17.46
CA GLY C 183 1.06 8.62 18.42
C GLY C 183 -0.41 8.30 18.25
N ASN C 184 -1.24 9.33 18.13
CA ASN C 184 -2.68 9.13 18.00
C ASN C 184 -3.11 9.05 16.54
N ALA C 185 -2.62 9.96 15.71
CA ALA C 185 -2.94 9.98 14.29
C ALA C 185 -1.89 10.84 13.59
N ILE C 186 -1.91 10.80 12.27
CA ILE C 186 -0.98 11.58 11.45
C ILE C 186 -1.63 12.93 11.17
N PRO C 187 -1.03 14.05 11.58
CA PRO C 187 -1.65 15.35 11.31
C PRO C 187 -1.76 15.64 9.82
N ASN C 188 -2.51 16.67 9.47
CA ASN C 188 -2.80 17.00 8.08
C ASN C 188 -2.15 18.33 7.72
N ILE C 189 -1.49 18.37 6.58
CA ILE C 189 -1.02 19.64 6.01
C ILE C 189 -2.08 20.13 5.04
N LEU C 190 -2.41 21.41 5.11
CA LEU C 190 -3.42 22.02 4.24
C LEU C 190 -2.81 23.22 3.56
N ILE C 191 -2.70 23.17 2.23
CA ILE C 191 -2.20 24.28 1.44
C ILE C 191 -3.39 24.91 0.73
N VAL C 192 -3.56 26.22 0.92
CA VAL C 192 -4.67 26.96 0.35
C VAL C 192 -4.15 27.88 -0.74
N TYR C 193 -4.81 27.87 -1.89
CA TYR C 193 -4.42 28.69 -3.02
C TYR C 193 -5.62 29.50 -3.50
N ASN C 194 -5.37 30.77 -3.82
CA ASN C 194 -6.39 31.68 -4.31
C ASN C 194 -6.16 31.99 -5.79
N HIS C 195 -7.25 32.24 -6.50
CA HIS C 195 -7.18 32.54 -7.93
C HIS C 195 -8.02 33.79 -8.20
N SER C 196 -7.83 34.36 -9.39
CA SER C 196 -8.56 35.55 -9.80
C SER C 196 -9.86 35.20 -10.52
N LYS C 197 -9.76 34.43 -11.60
CA LYS C 197 -10.93 34.01 -12.35
C LYS C 197 -11.36 32.61 -11.89
N ILE C 198 -12.58 32.24 -12.28
CA ILE C 198 -13.09 30.88 -12.01
C ILE C 198 -12.52 30.00 -13.11
N TYR C 199 -11.33 29.46 -12.85
CA TYR C 199 -10.62 28.70 -13.87
C TYR C 199 -11.28 27.35 -14.10
N LYS C 200 -11.32 26.95 -15.37
CA LYS C 200 -11.91 25.68 -15.78
C LYS C 200 -10.81 24.83 -16.41
N ASP C 201 -10.71 23.57 -15.98
CA ASP C 201 -9.73 22.61 -16.51
C ASP C 201 -8.31 23.13 -16.38
N LYS C 202 -8.00 23.76 -15.24
CA LYS C 202 -6.65 24.19 -14.92
C LYS C 202 -6.10 23.32 -13.80
N TRP C 203 -4.86 22.88 -13.96
CA TRP C 203 -4.26 21.89 -13.10
C TRP C 203 -2.93 22.38 -12.56
N ILE C 204 -2.52 21.80 -11.43
CA ILE C 204 -1.19 21.98 -10.86
C ILE C 204 -0.67 20.60 -10.48
N LYS C 205 0.59 20.55 -10.02
CA LYS C 205 1.23 19.28 -9.70
C LYS C 205 1.73 19.33 -8.27
N VAL C 206 1.29 18.38 -7.44
CA VAL C 206 1.73 18.25 -6.07
C VAL C 206 2.68 17.07 -6.01
N LEU C 207 3.96 17.35 -5.76
CA LEU C 207 4.99 16.32 -5.66
C LEU C 207 5.41 16.19 -4.20
N ILE C 208 5.29 14.98 -3.67
CA ILE C 208 5.68 14.68 -2.29
C ILE C 208 7.07 14.08 -2.33
N HIS C 209 8.02 14.71 -1.64
CA HIS C 209 9.40 14.23 -1.65
C HIS C 209 10.00 14.47 -0.28
N SER C 210 11.25 14.05 -0.12
CA SER C 210 11.98 14.28 1.11
C SER C 210 12.73 15.60 1.02
N ILE C 211 12.81 16.29 2.17
CA ILE C 211 13.55 17.55 2.21
C ILE C 211 15.01 17.34 1.86
N GLU C 212 15.55 16.16 2.11
CA GLU C 212 16.92 15.82 1.75
C GLU C 212 17.08 15.58 0.26
N ASP C 213 16.02 15.74 -0.52
CA ASP C 213 16.05 15.61 -1.97
C ASP C 213 15.40 16.81 -2.61
N LYS C 214 15.56 17.98 -2.01
CA LYS C 214 14.90 19.20 -2.45
C LYS C 214 15.62 19.89 -3.60
N LEU C 215 16.75 19.35 -4.05
CA LEU C 215 17.52 19.94 -5.13
C LEU C 215 17.29 19.27 -6.48
N THR C 216 16.88 18.00 -6.49
CA THR C 216 16.72 17.23 -7.73
C THR C 216 15.37 16.53 -7.78
N SER C 217 14.38 17.06 -7.08
CA SER C 217 13.07 16.43 -7.01
C SER C 217 12.01 17.15 -7.85
N HIS C 218 12.00 18.48 -7.85
CA HIS C 218 11.00 19.21 -8.60
C HIS C 218 11.11 18.98 -10.10
N PHE C 219 12.31 18.69 -10.61
CA PHE C 219 12.48 18.50 -12.05
C PHE C 219 11.57 17.39 -12.57
N PHE C 220 11.33 16.36 -11.78
CA PHE C 220 10.50 15.24 -12.19
C PHE C 220 9.07 15.36 -11.66
N ALA C 221 8.72 16.51 -11.08
CA ALA C 221 7.39 16.69 -10.55
C ALA C 221 6.32 16.42 -11.61
N ILE C 222 6.61 16.72 -12.87
CA ILE C 222 5.62 16.54 -13.93
C ILE C 222 5.29 15.05 -14.09
N ASN C 223 6.27 14.17 -13.89
CA ASN C 223 6.02 12.74 -14.04
C ASN C 223 5.82 12.03 -12.72
N VAL C 224 6.54 12.46 -11.67
CA VAL C 224 6.40 11.85 -10.35
C VAL C 224 5.37 12.56 -9.49
N GLY C 225 4.84 13.69 -9.94
CA GLY C 225 3.86 14.43 -9.16
C GLY C 225 2.46 13.86 -9.29
N VAL C 226 1.54 14.52 -8.60
CA VAL C 226 0.12 14.14 -8.58
C VAL C 226 -0.67 15.33 -9.11
N ASP C 227 -1.51 15.08 -10.10
CA ASP C 227 -2.30 16.16 -10.68
C ASP C 227 -3.38 16.62 -9.72
N SER C 228 -3.41 17.92 -9.42
CA SER C 228 -4.41 18.52 -8.56
C SER C 228 -5.22 19.53 -9.37
N LEU C 229 -6.53 19.37 -9.37
CA LEU C 229 -7.40 20.27 -10.10
C LEU C 229 -7.60 21.57 -9.33
N LEU C 230 -7.53 22.68 -10.04
CA LEU C 230 -7.69 23.98 -9.42
C LEU C 230 -9.11 24.16 -8.89
N GLN C 231 -9.23 24.94 -7.83
CA GLN C 231 -10.53 25.26 -7.22
C GLN C 231 -11.28 23.99 -6.86
N GLN C 232 -10.56 23.02 -6.28
CA GLN C 232 -11.16 21.77 -5.87
C GLN C 232 -10.30 21.08 -4.83
N MET C 233 -10.85 20.88 -3.62
CA MET C 233 -10.12 20.19 -2.57
C MET C 233 -9.64 18.79 -2.93
N THR C 234 -8.37 18.51 -2.65
CA THR C 234 -7.77 17.22 -2.91
C THR C 234 -7.03 16.74 -1.68
N GLU C 235 -7.01 15.41 -1.51
CA GLU C 235 -6.30 14.76 -0.42
C GLU C 235 -5.27 13.82 -1.03
N VAL C 236 -4.01 13.98 -0.65
CA VAL C 236 -2.92 13.16 -1.16
C VAL C 236 -2.33 12.43 0.03
N ASN C 237 -2.78 11.21 0.28
CA ASN C 237 -2.27 10.41 1.39
C ASN C 237 -1.04 9.65 0.91
N PHE C 238 0.09 9.90 1.56
CA PHE C 238 1.36 9.31 1.18
C PHE C 238 1.74 8.17 2.12
N GLN C 239 2.80 7.46 1.75
CA GLN C 239 3.37 6.39 2.56
C GLN C 239 4.88 6.58 2.62
N VAL C 240 5.46 6.23 3.76
CA VAL C 240 6.87 6.51 4.05
C VAL C 240 7.67 5.21 3.99
N ILE C 241 8.78 5.25 3.27
CA ILE C 241 9.66 4.09 3.13
C ILE C 241 11.06 4.47 3.57
N GLN C 242 11.43 4.10 4.80
CA GLN C 242 12.78 4.32 5.30
C GLN C 242 13.65 3.12 4.96
N LYS C 243 14.90 3.40 4.60
CA LYS C 243 15.85 2.35 4.26
C LYS C 243 17.21 2.73 4.84
N ILE C 244 17.69 1.93 5.80
CA ILE C 244 18.96 2.15 6.45
C ILE C 244 19.98 1.26 5.74
N ASN C 245 20.84 1.88 4.93
CA ASN C 245 21.88 1.14 4.24
C ASN C 245 23.14 1.07 5.09
N LEU C 246 23.93 0.02 4.86
CA LEU C 246 25.19 -0.17 5.56
C LEU C 246 26.31 0.48 4.76
N ASN C 247 27.16 1.24 5.45
CA ASN C 247 28.32 1.84 4.81
C ASN C 247 29.33 0.76 4.49
N LEU C 248 29.62 0.55 3.21
CA LEU C 248 30.51 -0.50 2.76
C LEU C 248 31.74 0.13 2.12
N SER C 249 32.88 -0.54 2.27
CA SER C 249 34.11 -0.02 1.70
C SER C 249 33.99 0.13 0.18
N ASN C 250 33.48 -0.90 -0.49
CA ASN C 250 33.30 -0.83 -1.93
C ASN C 250 32.20 0.15 -2.31
N ASN C 251 31.12 0.20 -1.53
CA ASN C 251 29.97 1.08 -1.80
C ASN C 251 29.67 1.88 -0.54
N PRO C 252 30.45 2.91 -0.26
CA PRO C 252 30.24 3.69 0.97
C PRO C 252 29.09 4.67 0.80
N CYS C 253 28.08 4.52 1.66
CA CYS C 253 26.95 5.44 1.65
C CYS C 253 27.37 6.79 2.22
N LEU C 254 26.62 7.83 1.84
CA LEU C 254 26.89 9.19 2.30
C LEU C 254 25.61 9.76 2.90
N PHE C 255 25.76 10.92 3.54
CA PHE C 255 24.60 11.60 4.10
C PHE C 255 23.67 12.05 2.97
N PRO C 256 22.37 12.12 3.24
CA PRO C 256 21.43 12.52 2.17
C PRO C 256 21.78 13.86 1.54
N GLU C 257 22.36 14.79 2.31
CA GLU C 257 22.76 16.08 1.75
C GLU C 257 23.77 15.90 0.62
N GLU C 258 24.80 15.07 0.86
CA GLU C 258 25.84 14.88 -0.15
C GLU C 258 25.33 14.10 -1.35
N VAL C 259 24.46 13.12 -1.14
CA VAL C 259 23.90 12.39 -2.27
C VAL C 259 23.03 13.32 -3.12
N ASP C 260 22.24 14.17 -2.46
CA ASP C 260 21.43 15.13 -3.21
C ASP C 260 22.31 16.11 -3.97
N LYS C 261 23.39 16.58 -3.36
CA LYS C 261 24.32 17.45 -4.07
C LYS C 261 24.95 16.75 -5.26
N CYS C 262 25.34 15.49 -5.10
CA CYS C 262 25.91 14.74 -6.23
C CYS C 262 24.91 14.60 -7.36
N PHE C 263 23.66 14.27 -7.02
CA PHE C 263 22.64 14.14 -8.06
C PHE C 263 22.36 15.47 -8.74
N LYS C 264 22.31 16.56 -7.98
CA LYS C 264 22.10 17.88 -8.58
C LYS C 264 23.25 18.23 -9.52
N LYS C 265 24.48 17.99 -9.10
CA LYS C 265 25.63 18.29 -9.97
C LYS C 265 25.58 17.45 -11.24
N CYS C 266 25.30 16.15 -11.11
CA CYS C 266 25.24 15.28 -12.28
C CYS C 266 24.13 15.71 -13.22
N LEU C 267 22.96 16.04 -12.68
CA LEU C 267 21.86 16.52 -13.51
C LEU C 267 22.25 17.80 -14.24
N ASP C 268 22.92 18.71 -13.55
CA ASP C 268 23.32 19.97 -14.18
C ASP C 268 24.30 19.73 -15.31
N ASN C 269 25.33 18.91 -15.10
CA ASN C 269 26.27 18.62 -16.17
C ASN C 269 25.59 17.91 -17.34
N PHE C 270 24.71 16.95 -17.04
CA PHE C 270 24.04 16.18 -18.08
C PHE C 270 23.06 17.02 -18.88
N MET C 271 22.42 18.01 -18.25
CA MET C 271 21.62 18.97 -18.99
C MET C 271 22.50 19.87 -19.85
N PHE C 272 23.56 20.42 -19.26
CA PHE C 272 24.37 21.42 -19.95
C PHE C 272 25.10 20.83 -21.14
N LYS C 273 25.51 19.57 -21.06
CA LYS C 273 26.18 18.96 -22.21
C LYS C 273 25.29 19.03 -23.45
N ASP C 274 24.08 18.50 -23.34
CA ASP C 274 23.16 18.50 -24.47
C ASP C 274 22.73 19.91 -24.85
N LEU C 275 22.52 20.79 -23.86
CA LEU C 275 22.04 22.13 -24.15
C LEU C 275 23.13 23.03 -24.72
N SER C 276 24.40 22.66 -24.55
CA SER C 276 25.48 23.35 -25.25
C SER C 276 25.68 22.74 -26.63
N ARG C 277 25.42 21.45 -26.77
CA ARG C 277 25.34 20.86 -28.11
C ARG C 277 24.31 21.60 -28.94
N ILE C 278 23.16 21.90 -28.34
CA ILE C 278 22.07 22.53 -29.10
C ILE C 278 22.39 24.00 -29.37
N HIS C 279 22.43 24.82 -28.32
CA HIS C 279 22.64 26.25 -28.55
C HIS C 279 23.53 26.94 -27.53
N LYS C 280 24.10 26.24 -26.56
CA LYS C 280 25.11 26.82 -25.67
C LYS C 280 24.52 27.94 -24.80
N CYS C 281 23.44 27.62 -24.09
CA CYS C 281 22.83 28.53 -23.13
C CYS C 281 22.09 27.70 -22.09
N ARG C 282 21.64 28.36 -21.03
CA ARG C 282 20.95 27.68 -19.94
C ARG C 282 19.53 28.20 -19.76
N LEU C 283 18.60 27.28 -19.54
CA LEU C 283 17.20 27.59 -19.30
C LEU C 283 17.00 28.12 -17.89
N PRO C 284 15.85 28.74 -17.61
CA PRO C 284 15.63 29.36 -16.30
C PRO C 284 15.69 28.41 -15.12
N PHE C 285 15.60 27.10 -15.35
CA PHE C 285 15.52 26.13 -14.26
C PHE C 285 16.84 25.41 -14.00
N MET C 286 17.94 25.87 -14.58
CA MET C 286 19.25 25.28 -14.34
C MET C 286 20.19 26.35 -13.81
N ASP C 287 20.95 26.04 -12.76
CA ASP C 287 21.86 27.01 -12.16
C ASP C 287 23.33 26.73 -12.38
N TYR C 288 23.69 25.61 -13.00
CA TYR C 288 25.12 25.23 -13.09
C TYR C 288 26.20 25.92 -13.86
N PRO C 289 25.99 26.26 -15.13
CA PRO C 289 27.11 26.96 -15.75
C PRO C 289 26.78 28.34 -15.31
N PRO C 290 27.57 28.93 -14.39
CA PRO C 290 27.07 30.19 -13.84
C PRO C 290 27.33 31.35 -14.73
N ASP C 291 28.48 31.39 -15.37
CA ASP C 291 28.75 32.42 -16.34
C ASP C 291 27.86 32.29 -17.57
N ILE C 292 27.63 31.08 -18.03
CA ILE C 292 26.90 30.88 -19.28
C ILE C 292 25.54 31.58 -19.27
N PRO C 293 25.31 32.55 -20.16
CA PRO C 293 24.04 33.30 -20.10
C PRO C 293 22.72 32.57 -20.20
N TYR C 294 21.63 33.07 -19.60
CA TYR C 294 20.33 32.45 -19.78
C TYR C 294 19.89 32.56 -21.24
N CYS C 295 19.12 31.56 -21.68
CA CYS C 295 18.61 31.55 -23.04
C CYS C 295 17.57 32.65 -23.22
N ASN C 296 17.42 33.09 -24.48
CA ASN C 296 16.44 34.10 -24.85
C ASN C 296 15.29 33.45 -25.60
N TYR C 297 14.33 34.28 -26.02
CA TYR C 297 13.13 33.77 -26.67
C TYR C 297 13.46 33.08 -27.99
N THR C 298 14.50 33.54 -28.70
CA THR C 298 14.85 32.92 -29.97
C THR C 298 15.31 31.48 -29.77
N ASN C 299 16.11 31.22 -28.75
CA ASN C 299 16.70 29.90 -28.53
C ASN C 299 15.89 29.03 -27.57
N PHE C 300 15.00 29.62 -26.79
CA PHE C 300 14.28 28.83 -25.79
C PHE C 300 13.46 27.70 -26.41
N PRO C 301 12.72 27.90 -27.50
CA PRO C 301 11.92 26.80 -28.05
C PRO C 301 12.74 25.55 -28.35
N GLN C 302 13.85 25.70 -29.08
CA GLN C 302 14.67 24.55 -29.42
C GLN C 302 15.21 23.87 -28.18
N MET C 303 15.70 24.66 -27.22
CA MET C 303 16.28 24.10 -26.00
C MET C 303 15.24 23.32 -25.21
N TYR C 304 14.04 23.90 -25.06
CA TYR C 304 12.99 23.23 -24.31
C TYR C 304 12.54 21.94 -25.01
N THR C 305 12.39 22.00 -26.33
CA THR C 305 12.01 20.80 -27.08
C THR C 305 13.08 19.72 -26.92
N ARG C 306 14.33 20.07 -26.91
CA ARG C 306 15.36 19.09 -26.71
C ARG C 306 15.28 18.60 -25.31
N PHE C 307 15.29 19.50 -24.33
CA PHE C 307 15.30 19.10 -22.94
C PHE C 307 14.15 18.19 -22.52
N ASN C 308 12.98 18.32 -23.13
CA ASN C 308 11.89 17.39 -22.83
C ASN C 308 12.30 15.96 -23.18
N LYS C 309 12.81 15.76 -24.40
CA LYS C 309 13.26 14.44 -24.81
C LYS C 309 14.44 13.97 -23.95
N ILE C 310 15.35 14.89 -23.63
CA ILE C 310 16.50 14.54 -22.79
C ILE C 310 16.03 13.99 -21.45
N LEU C 311 15.07 14.68 -20.82
CA LEU C 311 14.55 14.28 -19.52
C LEU C 311 13.68 13.03 -19.60
N LYS C 312 13.09 12.73 -20.76
CA LYS C 312 12.27 11.53 -20.86
C LYS C 312 13.08 10.27 -20.58
N GLY C 313 14.31 10.20 -21.10
CA GLY C 313 15.16 9.04 -20.90
C GLY C 313 16.27 9.18 -19.88
N PHE C 314 16.33 10.27 -19.14
CA PHE C 314 17.38 10.45 -18.14
C PHE C 314 17.27 9.34 -17.09
N ASN C 315 18.38 8.64 -16.85
CA ASN C 315 18.43 7.55 -15.90
C ASN C 315 19.48 7.84 -14.85
N LYS C 316 19.11 7.63 -13.58
CA LYS C 316 20.01 7.94 -12.47
C LYS C 316 21.15 6.93 -12.35
N THR C 317 21.01 5.76 -12.95
CA THR C 317 22.09 4.77 -12.87
C THR C 317 23.37 5.30 -13.51
N ASN C 318 23.24 5.99 -14.64
CA ASN C 318 24.41 6.59 -15.27
C ASN C 318 25.08 7.58 -14.34
N CYS C 319 24.29 8.36 -13.59
CA CYS C 319 24.82 9.27 -12.58
C CYS C 319 25.28 8.44 -11.39
N LEU C 320 26.53 7.99 -11.45
CA LEU C 320 27.09 7.16 -10.39
C LEU C 320 27.36 8.00 -9.16
N CYS C 321 26.40 8.05 -8.24
CA CYS C 321 26.55 8.75 -6.97
C CYS C 321 26.41 7.75 -5.82
N PRO C 322 27.04 8.02 -4.68
CA PRO C 322 26.95 7.09 -3.56
C PRO C 322 25.54 7.03 -2.99
N ARG C 323 25.24 5.88 -2.40
CA ARG C 323 23.93 5.67 -1.78
C ARG C 323 23.80 6.53 -0.52
N LYS C 324 22.64 6.43 0.11
CA LYS C 324 22.35 7.18 1.34
C LYS C 324 22.33 6.21 2.52
N CYS C 325 23.06 6.54 3.58
CA CYS C 325 23.07 5.68 4.75
C CYS C 325 21.69 5.62 5.40
N ARG C 326 21.00 6.76 5.48
CA ARG C 326 19.64 6.83 6.04
C ARG C 326 18.79 7.61 5.05
N GLU C 327 18.09 6.88 4.18
CA GLU C 327 17.25 7.50 3.16
C GLU C 327 15.78 7.32 3.50
N THR C 328 15.01 8.39 3.33
CA THR C 328 13.57 8.38 3.56
C THR C 328 12.87 8.76 2.27
N ARG C 329 11.98 7.89 1.81
CA ARG C 329 11.18 8.14 0.62
C ARG C 329 9.71 8.25 0.99
N TYR C 330 8.97 8.99 0.18
CA TYR C 330 7.54 9.19 0.38
C TYR C 330 6.82 8.89 -0.92
N GLU C 331 6.08 7.79 -0.93
CA GLU C 331 5.25 7.42 -2.07
C GLU C 331 3.81 7.83 -1.82
N ILE C 332 3.05 7.97 -2.90
CA ILE C 332 1.65 8.38 -2.83
C ILE C 332 0.79 7.15 -2.60
N GLN C 333 0.26 7.01 -1.39
CA GLN C 333 -0.63 5.90 -1.06
C GLN C 333 -1.95 5.96 -1.82
N TYR C 334 -2.56 7.13 -1.90
CA TYR C 334 -3.75 7.30 -2.73
C TYR C 334 -4.13 8.78 -2.76
N GLN C 335 -5.06 9.10 -3.66
CA GLN C 335 -5.52 10.46 -3.87
C GLN C 335 -7.04 10.46 -3.88
N PHE C 336 -7.64 11.37 -3.12
CA PHE C 336 -9.08 11.47 -2.97
C PHE C 336 -9.54 12.88 -3.30
N ASN C 337 -10.75 12.99 -3.81
CA ASN C 337 -11.34 14.28 -4.16
C ASN C 337 -12.51 14.57 -3.23
N ILE C 338 -12.48 15.72 -2.58
CA ILE C 338 -13.50 16.10 -1.59
C ILE C 338 -14.30 17.26 -2.16
N GLY C 339 -15.61 17.07 -2.24
CA GLY C 339 -16.49 18.14 -2.67
C GLY C 339 -16.40 18.43 -4.16
N GLY C 340 -17.06 19.52 -4.54
CA GLY C 340 -17.07 19.96 -5.92
C GLY C 340 -16.29 21.24 -6.14
N PHE C 341 -16.85 22.15 -6.92
CA PHE C 341 -16.16 23.41 -7.20
C PHE C 341 -15.99 24.21 -5.92
N ASN C 342 -14.87 24.93 -5.83
CA ASN C 342 -14.58 25.81 -4.73
C ASN C 342 -13.91 27.07 -5.25
N ASN C 343 -13.98 28.15 -4.47
CA ASN C 343 -13.30 29.38 -4.81
C ASN C 343 -11.82 29.36 -4.44
N GLN C 344 -11.36 28.31 -3.76
CA GLN C 344 -9.98 28.16 -3.38
C GLN C 344 -9.54 26.73 -3.62
N THR C 345 -8.27 26.55 -3.95
CA THR C 345 -7.70 25.22 -4.13
C THR C 345 -7.12 24.76 -2.80
N PHE C 346 -7.73 23.73 -2.22
CA PHE C 346 -7.25 23.15 -0.97
C PHE C 346 -6.54 21.84 -1.30
N ILE C 347 -5.28 21.75 -0.90
CA ILE C 347 -4.47 20.55 -1.12
C ILE C 347 -4.18 19.99 0.27
N LYS C 348 -4.71 18.81 0.55
CA LYS C 348 -4.48 18.16 1.83
C LYS C 348 -3.50 17.02 1.69
N ILE C 349 -2.44 17.08 2.50
CA ILE C 349 -1.38 16.07 2.51
C ILE C 349 -1.45 15.34 3.84
N THR C 350 -1.46 14.01 3.79
CA THR C 350 -1.66 13.20 4.98
C THR C 350 -1.00 11.85 4.77
N SER C 351 -1.05 11.03 5.82
CA SER C 351 -0.70 9.61 5.74
C SER C 351 -1.70 8.85 6.61
N ARG C 352 -2.27 7.77 6.12
CA ARG C 352 -3.15 6.95 6.90
C ARG C 352 -2.44 5.66 7.15
N ASN C 353 -1.16 5.60 6.80
CA ASN C 353 -0.39 4.38 6.93
C ASN C 353 0.82 4.36 7.85
N SER C 354 1.49 3.22 7.97
CA SER C 354 2.66 3.12 8.80
C SER C 354 3.92 3.16 7.98
N ILE C 355 5.08 3.26 8.63
CA ILE C 355 6.35 3.42 7.93
C ILE C 355 6.91 2.04 7.59
N THR C 356 7.50 1.93 6.40
CA THR C 356 8.10 0.69 5.94
C THR C 356 9.61 0.79 6.10
N LEU C 357 10.17 0.01 7.02
CA LEU C 357 11.58 0.10 7.38
C LEU C 357 12.34 -1.07 6.77
N GLU C 358 13.42 -0.77 6.07
CA GLU C 358 14.30 -1.77 5.47
C GLU C 358 15.71 -1.52 6.01
N THR C 359 16.13 -2.32 6.97
CA THR C 359 17.43 -2.13 7.61
C THR C 359 18.41 -3.19 7.12
N GLU C 360 19.57 -2.74 6.64
CA GLU C 360 20.60 -3.69 6.23
C GLU C 360 21.46 -4.08 7.43
N TYR C 361 21.65 -5.38 7.60
CA TYR C 361 22.44 -5.92 8.70
C TYR C 361 23.14 -7.19 8.24
N TRP C 362 24.23 -7.51 8.95
CA TRP C 362 25.03 -8.70 8.66
C TRP C 362 24.52 -9.85 9.52
N SER C 363 24.08 -10.93 8.87
CA SER C 363 23.62 -12.09 9.61
C SER C 363 24.79 -12.90 10.17
N TYR C 364 26.00 -12.75 9.61
CA TYR C 364 27.18 -13.50 10.05
C TYR C 364 28.10 -12.62 10.88
N ASN C 365 28.40 -13.00 12.11
CA ASN C 365 29.33 -12.25 12.97
C ASN C 365 30.69 -12.94 12.97
N PHE C 366 31.76 -12.24 13.36
CA PHE C 366 33.11 -12.82 13.37
C PHE C 366 33.19 -13.93 14.34
N TYR C 367 32.48 -13.81 15.45
CA TYR C 367 32.50 -14.85 16.48
C TYR C 367 31.78 -16.10 16.06
N SER C 368 31.08 -16.10 14.93
CA SER C 368 30.44 -17.30 14.41
C SER C 368 31.34 -17.83 13.31
N LEU C 369 32.05 -16.99 12.58
CA LEU C 369 33.05 -17.43 11.61
C LEU C 369 34.13 -18.27 12.28
N LEU C 370 34.65 -17.79 13.41
CA LEU C 370 35.67 -18.54 14.12
C LEU C 370 35.13 -19.88 14.61
N SER C 371 33.90 -19.87 15.12
CA SER C 371 33.30 -21.12 15.60
C SER C 371 33.13 -22.12 14.46
N ASP C 372 32.70 -21.65 13.29
CA ASP C 372 32.52 -22.55 12.16
C ASP C 372 33.85 -23.07 11.63
N ILE C 373 34.88 -22.23 11.60
CA ILE C 373 36.20 -22.72 11.20
C ILE C 373 36.71 -23.75 12.18
N GLY C 374 36.52 -23.51 13.48
CA GLY C 374 36.90 -24.49 14.47
C GLY C 374 36.14 -25.79 14.33
N GLY C 375 34.84 -25.70 14.01
CA GLY C 375 34.07 -26.91 13.78
C GLY C 375 34.56 -27.69 12.57
N SER C 376 34.90 -26.98 11.49
CA SER C 376 35.46 -27.65 10.32
C SER C 376 36.77 -28.36 10.68
N LEU C 377 37.63 -27.67 11.43
CA LEU C 377 38.90 -28.28 11.83
C LEU C 377 38.67 -29.49 12.73
N GLY C 378 37.73 -29.39 13.66
CA GLY C 378 37.44 -30.48 14.57
C GLY C 378 36.69 -31.64 13.96
N LEU C 379 36.08 -31.42 12.80
CA LEU C 379 35.44 -32.51 12.07
C LEU C 379 36.43 -33.20 11.14
N PHE C 380 37.13 -32.43 10.30
CA PHE C 380 37.99 -33.04 9.29
C PHE C 380 39.29 -33.61 9.86
N LEU C 381 39.93 -32.89 10.79
CA LEU C 381 41.23 -33.31 11.30
C LEU C 381 41.34 -33.31 12.83
N GLY C 382 40.35 -32.79 13.54
CA GLY C 382 40.50 -32.66 14.98
C GLY C 382 41.61 -31.73 15.37
N ALA C 383 41.85 -30.69 14.58
CA ALA C 383 42.96 -29.77 14.80
C ALA C 383 42.52 -28.64 15.73
N SER C 384 43.40 -27.67 15.95
CA SER C 384 43.12 -26.54 16.82
C SER C 384 44.28 -25.56 16.70
N ILE C 385 44.13 -24.42 17.36
CA ILE C 385 45.20 -23.42 17.32
C ILE C 385 46.35 -24.11 17.99
N LEU C 386 46.16 -24.55 19.24
CA LEU C 386 47.23 -25.21 19.96
C LEU C 386 47.81 -26.26 19.06
N SER C 387 47.01 -27.16 18.52
CA SER C 387 47.57 -28.26 17.72
C SER C 387 48.45 -27.76 16.64
N MET C 388 47.90 -26.98 15.73
CA MET C 388 48.67 -26.52 14.60
C MET C 388 49.98 -25.93 15.10
N CYS C 389 49.86 -24.99 16.04
CA CYS C 389 51.04 -24.33 16.56
C CYS C 389 52.09 -25.32 17.01
#